data_7LXR
#
_entry.id   7LXR
#
_cell.length_a   42.692
_cell.length_b   50.813
_cell.length_c   93.344
_cell.angle_alpha   78.532
_cell.angle_beta   77.869
_cell.angle_gamma   73.197
#
_symmetry.space_group_name_H-M   'P 1'
#
loop_
_entity.id
_entity.type
_entity.pdbx_description
1 polymer 'Kinesin-like protein Klp61F'
2 non-polymer 1,2-ETHANEDIOL
3 non-polymer 'PHOSPHOAMINOPHOSPHONIC ACID-ADENYLATE ESTER'
4 non-polymer 'MAGNESIUM ION'
5 non-polymer 'IODIDE ION'
6 water water
#
_entity_poly.entity_id   1
_entity_poly.type   'polypeptide(L)'
_entity_poly.pdbx_seq_one_letter_code
;GAMDISGGNTSRQPQKKSNQNIQVYVRVRPLNSRERCIRSAEVVDVVGPREVVTRHTLDSKLTKKFTFDRSFGPESKQCD
VYSVVVSPLIEEVLNGYNCTVFAYGQTGTGKTHTMVGNETAELKSSWEDDSDIGIIPRALSHLFDELRMMEVEYTMRISY
LELYNEELCDLLSTDDTTKIRIFDDSTKKGSVIIQGLEEIPVHSKDDVYKLLEKGKERRKTATTLMNAQSSRSHTVFSIV
VHIRENGIEGEDMLKIGKLNLVDLAGSENVSKAGNEKGIRVRETVNINQSLLTLGRVITALVDRAPHVPYRESKLTRLLQ
ESLGGRTKTSIIATISPGHKDIEETLSTLEYAHRAKNIQNKPEVNQKLT
;
_entity_poly.pdbx_strand_id   A,B
#
loop_
_chem_comp.id
_chem_comp.type
_chem_comp.name
_chem_comp.formula
ANP non-polymer 'PHOSPHOAMINOPHOSPHONIC ACID-ADENYLATE ESTER' 'C10 H17 N6 O12 P3'
EDO non-polymer 1,2-ETHANEDIOL 'C2 H6 O2'
IOD non-polymer 'IODIDE ION' 'I -1'
MG non-polymer 'MAGNESIUM ION' 'Mg 2'
#
# COMPACT_ATOMS: atom_id res chain seq x y z
N GLN A 20 -14.42 23.61 2.21
CA GLN A 20 -13.64 22.30 2.16
C GLN A 20 -13.43 21.83 0.70
N ASN A 21 -13.89 22.62 -0.27
CA ASN A 21 -13.74 22.24 -1.71
C ASN A 21 -12.26 22.41 -2.12
N ILE A 22 -11.89 21.70 -3.16
CA ILE A 22 -10.58 21.96 -3.79
C ILE A 22 -10.60 23.40 -4.30
N GLN A 23 -9.48 24.12 -4.11
CA GLN A 23 -9.30 25.45 -4.67
C GLN A 23 -8.67 25.29 -6.07
N VAL A 24 -9.17 26.04 -7.05
CA VAL A 24 -8.64 25.90 -8.43
C VAL A 24 -8.25 27.27 -8.94
N TYR A 25 -7.08 27.32 -9.53
CA TYR A 25 -6.46 28.52 -10.13
C TYR A 25 -6.09 28.26 -11.58
N VAL A 26 -6.06 29.30 -12.37
CA VAL A 26 -5.63 29.20 -13.80
C VAL A 26 -4.52 30.20 -14.03
N ARG A 27 -3.48 29.74 -14.75
CA ARG A 27 -2.32 30.58 -15.11
C ARG A 27 -2.08 30.49 -16.59
N VAL A 28 -2.25 31.63 -17.26
CA VAL A 28 -2.04 31.75 -18.73
C VAL A 28 -0.58 32.21 -18.94
N ARG A 29 0.21 31.44 -19.67
CA ARG A 29 1.60 31.85 -19.98
C ARG A 29 1.53 32.89 -21.09
N PRO A 30 2.59 33.73 -21.21
CA PRO A 30 2.73 34.58 -22.39
C PRO A 30 2.97 33.77 -23.66
N LEU A 31 2.58 34.34 -24.80
CA LEU A 31 2.97 33.86 -26.14
C LEU A 31 4.49 33.80 -26.07
N ASN A 32 5.09 32.76 -26.62
CA ASN A 32 6.56 32.64 -26.76
C ASN A 32 7.03 33.24 -28.09
N SER A 33 8.34 33.33 -28.26
CA SER A 33 8.98 34.02 -29.41
C SER A 33 8.49 33.41 -30.72
N ARG A 34 8.43 32.09 -30.78
CA ARG A 34 8.05 31.35 -32.00
C ARG A 34 6.56 31.60 -32.33
N GLU A 35 5.69 31.65 -31.33
CA GLU A 35 4.27 32.06 -31.50
C GLU A 35 4.17 33.51 -31.96
N ARG A 36 4.97 34.39 -31.36
CA ARG A 36 5.02 35.82 -31.75
C ARG A 36 5.42 35.98 -33.22
N CYS A 37 6.40 35.23 -33.67
CA CYS A 37 6.95 35.45 -35.03
CA CYS A 37 7.01 35.31 -35.03
C CYS A 37 5.95 35.03 -36.09
N ILE A 38 5.10 34.03 -35.81
CA ILE A 38 4.08 33.60 -36.82
C ILE A 38 2.74 34.31 -36.53
N ARG A 39 2.72 35.24 -35.57
CA ARG A 39 1.53 36.02 -35.17
C ARG A 39 0.36 35.11 -34.79
N SER A 40 0.58 34.12 -33.91
CA SER A 40 -0.51 33.26 -33.38
C SER A 40 -1.66 34.12 -32.84
N ALA A 41 -2.90 33.70 -33.10
CA ALA A 41 -4.11 34.40 -32.63
C ALA A 41 -4.23 34.13 -31.13
N GLU A 42 -4.22 35.19 -30.34
CA GLU A 42 -4.34 35.18 -28.87
C GLU A 42 -5.83 35.19 -28.56
N VAL A 43 -6.40 34.07 -28.13
CA VAL A 43 -7.88 34.03 -28.00
C VAL A 43 -8.29 33.80 -26.53
N VAL A 44 -7.31 33.72 -25.65
CA VAL A 44 -7.58 33.54 -24.20
C VAL A 44 -7.22 34.83 -23.50
N ASP A 45 -8.08 35.31 -22.62
CA ASP A 45 -7.89 36.58 -21.86
C ASP A 45 -8.23 36.35 -20.39
N VAL A 46 -7.44 36.90 -19.47
CA VAL A 46 -7.82 36.97 -18.03
C VAL A 46 -8.56 38.29 -17.83
N VAL A 47 -9.72 38.25 -17.20
CA VAL A 47 -10.50 39.47 -16.89
CA VAL A 47 -10.56 39.45 -16.88
C VAL A 47 -10.69 39.54 -15.37
N GLY A 48 -10.28 40.66 -14.78
CA GLY A 48 -10.42 40.83 -13.36
C GLY A 48 -9.70 39.68 -12.71
N PRO A 49 -9.89 39.51 -11.40
CA PRO A 49 -8.99 38.62 -10.66
C PRO A 49 -9.37 37.13 -10.76
N ARG A 50 -10.53 36.80 -11.32
CA ARG A 50 -10.98 35.40 -11.20
C ARG A 50 -11.32 34.80 -12.55
N GLU A 51 -11.55 35.60 -13.57
CA GLU A 51 -12.18 35.03 -14.79
C GLU A 51 -11.15 34.74 -15.87
N VAL A 52 -11.43 33.69 -16.66
CA VAL A 52 -10.71 33.48 -17.93
C VAL A 52 -11.75 33.37 -19.02
N VAL A 53 -11.54 34.08 -20.12
CA VAL A 53 -12.51 34.10 -21.23
C VAL A 53 -11.80 33.61 -22.49
N THR A 54 -12.57 33.07 -23.41
CA THR A 54 -12.07 32.83 -24.79
C THR A 54 -12.88 33.71 -25.74
N ARG A 55 -12.22 34.14 -26.81
CA ARG A 55 -12.76 35.19 -27.69
C ARG A 55 -12.81 34.61 -29.10
N HIS A 56 -13.86 34.95 -29.87
CA HIS A 56 -14.06 34.50 -31.27
C HIS A 56 -13.01 35.20 -32.12
N THR A 57 -12.31 34.45 -32.97
CA THR A 57 -11.30 35.02 -33.88
C THR A 57 -11.90 36.16 -34.69
N LEU A 58 -13.10 35.98 -35.24
CA LEU A 58 -13.68 36.80 -36.32
C LEU A 58 -14.20 38.14 -35.79
N ASP A 59 -14.64 38.23 -34.54
CA ASP A 59 -15.32 39.47 -34.05
C ASP A 59 -14.95 39.81 -32.59
N SER A 60 -14.08 39.03 -31.95
CA SER A 60 -13.54 39.35 -30.61
C SER A 60 -14.65 39.22 -29.55
N LYS A 61 -15.78 38.62 -29.89
CA LYS A 61 -16.90 38.45 -28.92
C LYS A 61 -16.55 37.29 -27.97
N LEU A 62 -16.94 37.35 -26.69
CA LEU A 62 -16.64 36.22 -25.76
C LEU A 62 -17.41 34.99 -26.20
N THR A 63 -16.74 33.86 -26.20
CA THR A 63 -17.39 32.56 -26.49
C THR A 63 -17.52 31.77 -25.20
N LYS A 64 -16.58 31.91 -24.27
CA LYS A 64 -16.57 31.06 -23.05
C LYS A 64 -16.11 31.95 -21.90
N LYS A 65 -16.59 31.65 -20.69
CA LYS A 65 -16.15 32.41 -19.51
C LYS A 65 -16.14 31.42 -18.37
N PHE A 66 -14.98 31.26 -17.73
CA PHE A 66 -14.79 30.32 -16.60
C PHE A 66 -14.38 31.17 -15.40
N THR A 67 -14.85 30.83 -14.21
CA THR A 67 -14.49 31.55 -12.98
C THR A 67 -13.72 30.60 -12.06
N PHE A 68 -12.58 31.07 -11.56
CA PHE A 68 -11.72 30.29 -10.64
C PHE A 68 -11.51 31.05 -9.34
N ASP A 69 -10.82 30.40 -8.42
CA ASP A 69 -10.48 31.05 -7.12
C ASP A 69 -9.58 32.23 -7.41
N ARG A 70 -8.72 32.12 -8.40
CA ARG A 70 -7.96 33.27 -8.95
C ARG A 70 -7.45 32.89 -10.32
N SER A 71 -7.41 33.84 -11.22
CA SER A 71 -6.85 33.68 -12.59
CA SER A 71 -6.80 33.61 -12.55
C SER A 71 -5.63 34.59 -12.74
N PHE A 72 -4.61 34.12 -13.39
CA PHE A 72 -3.31 34.80 -13.50
C PHE A 72 -3.02 34.96 -14.96
N GLY A 73 -2.82 36.20 -15.38
CA GLY A 73 -2.60 36.44 -16.80
C GLY A 73 -1.14 36.34 -17.18
N PRO A 74 -0.83 36.62 -18.45
CA PRO A 74 0.57 36.49 -18.92
C PRO A 74 1.61 37.41 -18.26
N GLU A 75 1.22 38.50 -17.61
CA GLU A 75 2.18 39.37 -16.90
C GLU A 75 2.29 38.97 -15.44
N SER A 76 1.64 37.86 -15.00
CA SER A 76 1.60 37.50 -13.57
C SER A 76 3.01 37.18 -13.09
N LYS A 77 3.30 37.53 -11.83
CA LYS A 77 4.60 37.31 -11.21
C LYS A 77 4.61 36.04 -10.36
N GLN A 78 5.74 35.33 -10.37
CA GLN A 78 6.01 34.15 -9.48
C GLN A 78 5.56 34.51 -8.04
N CYS A 79 5.98 35.66 -7.51
CA CYS A 79 5.72 36.00 -6.07
C CYS A 79 4.21 36.12 -5.82
N ASP A 80 3.40 36.50 -6.82
CA ASP A 80 1.93 36.67 -6.59
C ASP A 80 1.23 35.31 -6.72
N VAL A 81 1.68 34.44 -7.61
CA VAL A 81 1.12 33.06 -7.67
C VAL A 81 1.38 32.40 -6.31
N TYR A 82 2.60 32.48 -5.78
CA TYR A 82 2.93 31.87 -4.49
C TYR A 82 2.01 32.46 -3.41
N SER A 83 2.02 33.79 -3.31
CA SER A 83 1.24 34.54 -2.28
CA SER A 83 1.25 34.50 -2.25
C SER A 83 -0.22 34.09 -2.23
N VAL A 84 -0.86 33.99 -3.37
CA VAL A 84 -2.31 33.66 -3.43
C VAL A 84 -2.53 32.18 -3.14
N VAL A 85 -1.80 31.33 -3.86
CA VAL A 85 -2.09 29.88 -3.93
C VAL A 85 -1.49 29.18 -2.72
N VAL A 86 -0.19 29.44 -2.44
CA VAL A 86 0.52 28.51 -1.52
C VAL A 86 0.69 29.08 -0.13
N SER A 87 0.97 30.36 0.00
N SER A 87 0.93 30.39 0.01
CA SER A 87 1.27 30.95 1.32
CA SER A 87 1.24 31.03 1.32
C SER A 87 0.16 30.58 2.32
C SER A 87 0.16 30.64 2.34
N PRO A 88 -1.15 30.64 2.00
CA PRO A 88 -2.16 30.27 3.01
C PRO A 88 -2.03 28.82 3.54
N LEU A 89 -1.51 27.90 2.72
CA LEU A 89 -1.39 26.49 3.12
C LEU A 89 -0.26 26.29 4.12
N ILE A 90 0.72 27.21 4.17
CA ILE A 90 1.86 27.00 5.10
C ILE A 90 1.33 26.97 6.53
N GLU A 91 0.39 27.86 6.84
CA GLU A 91 -0.22 27.89 8.17
C GLU A 91 -0.94 26.56 8.46
N GLU A 92 -1.61 26.00 7.47
CA GLU A 92 -2.37 24.74 7.66
C GLU A 92 -1.41 23.57 7.86
N VAL A 93 -0.29 23.50 7.13
CA VAL A 93 0.73 22.44 7.33
C VAL A 93 1.21 22.52 8.79
N LEU A 94 1.52 23.73 9.25
CA LEU A 94 2.04 23.92 10.65
C LEU A 94 0.99 23.60 11.71
N ASN A 95 -0.27 23.58 11.35
CA ASN A 95 -1.39 23.13 12.18
C ASN A 95 -1.69 21.63 12.06
N GLY A 96 -0.96 20.86 11.28
CA GLY A 96 -1.14 19.40 11.23
C GLY A 96 -2.05 18.95 10.09
N TYR A 97 -2.25 19.78 9.07
CA TYR A 97 -3.00 19.36 7.88
C TYR A 97 -2.05 18.76 6.84
N ASN A 98 -2.60 17.89 6.00
CA ASN A 98 -2.00 17.40 4.76
C ASN A 98 -2.45 18.32 3.63
N CYS A 99 -1.52 18.96 2.91
CA CYS A 99 -1.82 20.00 1.90
C CYS A 99 -1.15 19.60 0.57
N THR A 100 -1.83 19.76 -0.53
CA THR A 100 -1.30 19.41 -1.85
C THR A 100 -1.56 20.55 -2.81
N VAL A 101 -0.54 20.89 -3.57
CA VAL A 101 -0.68 21.79 -4.74
C VAL A 101 -0.20 21.03 -5.97
N PHE A 102 -1.01 20.94 -7.03
CA PHE A 102 -0.52 20.28 -8.25
C PHE A 102 -0.81 21.18 -9.42
N ALA A 103 0.19 21.25 -10.32
CA ALA A 103 0.09 21.96 -11.61
C ALA A 103 -0.32 20.97 -12.71
N TYR A 104 -1.17 21.39 -13.58
CA TYR A 104 -1.90 20.48 -14.47
C TYR A 104 -2.11 21.20 -15.79
N GLY A 105 -1.79 20.60 -16.94
CA GLY A 105 -2.07 21.30 -18.21
C GLY A 105 -1.29 20.77 -19.39
N GLN A 106 -1.57 21.31 -20.58
CA GLN A 106 -0.87 20.91 -21.82
C GLN A 106 0.66 21.06 -21.67
N THR A 107 1.39 20.21 -22.39
CA THR A 107 2.87 20.38 -22.54
C THR A 107 3.19 21.86 -22.86
N GLY A 108 4.21 22.39 -22.20
CA GLY A 108 4.82 23.69 -22.55
C GLY A 108 4.02 24.86 -22.02
N THR A 109 3.04 24.69 -21.09
CA THR A 109 2.18 25.81 -20.70
C THR A 109 2.66 26.47 -19.40
N GLY A 110 3.64 25.90 -18.69
CA GLY A 110 4.26 26.62 -17.59
C GLY A 110 4.14 25.93 -16.27
N LYS A 111 3.93 24.60 -16.27
CA LYS A 111 3.85 23.87 -15.00
C LYS A 111 5.14 23.91 -14.21
N THR A 112 6.26 23.59 -14.85
CA THR A 112 7.55 23.48 -14.13
C THR A 112 8.04 24.89 -13.79
N HIS A 113 7.82 25.83 -14.68
CA HIS A 113 8.11 27.26 -14.40
C HIS A 113 7.45 27.63 -13.09
N THR A 114 6.15 27.32 -13.00
CA THR A 114 5.29 27.69 -11.86
C THR A 114 5.73 26.92 -10.60
N MET A 115 5.91 25.62 -10.67
CA MET A 115 6.14 24.83 -9.46
C MET A 115 7.58 24.93 -8.96
N VAL A 116 8.54 25.13 -9.82
CA VAL A 116 9.97 24.97 -9.44
C VAL A 116 10.68 26.23 -9.86
N GLY A 117 10.55 26.59 -11.14
CA GLY A 117 11.33 27.61 -11.84
C GLY A 117 12.78 27.13 -12.09
N ASN A 118 13.59 28.05 -12.57
CA ASN A 118 14.99 27.80 -13.01
C ASN A 118 16.06 28.39 -12.09
N GLU A 119 15.90 29.62 -11.59
CA GLU A 119 16.92 30.23 -10.67
C GLU A 119 17.01 29.36 -9.41
N THR A 120 18.21 29.18 -8.85
CA THR A 120 18.39 28.60 -7.48
C THR A 120 18.19 29.74 -6.47
N ALA A 121 17.59 29.44 -5.31
CA ALA A 121 17.30 30.45 -4.27
C ALA A 121 18.59 30.81 -3.51
N GLU A 122 18.86 32.11 -3.36
CA GLU A 122 19.88 32.62 -2.41
C GLU A 122 19.41 32.30 -0.98
N LEU A 123 20.35 31.87 -0.15
CA LEU A 123 20.17 31.49 1.27
C LEU A 123 20.22 32.80 2.08
N LYS A 124 19.13 33.58 1.97
CA LYS A 124 19.15 35.07 2.07
C LYS A 124 17.79 35.61 1.60
N SER A 125 17.25 35.04 0.52
CA SER A 125 16.00 35.47 -0.13
C SER A 125 14.76 35.19 0.74
N SER A 126 13.67 35.90 0.45
CA SER A 126 12.35 35.72 1.09
C SER A 126 11.37 35.11 0.08
N TRP A 127 10.37 34.36 0.56
CA TRP A 127 9.25 33.86 -0.29
C TRP A 127 8.56 35.04 -0.98
N GLU A 128 8.71 36.29 -0.47
CA GLU A 128 7.93 37.46 -0.93
C GLU A 128 8.67 38.10 -2.12
N ASP A 129 9.92 37.72 -2.36
CA ASP A 129 10.82 38.41 -3.31
C ASP A 129 10.30 38.30 -4.75
N ASP A 130 10.35 39.42 -5.47
CA ASP A 130 9.91 39.44 -6.89
C ASP A 130 11.05 38.91 -7.76
N SER A 131 11.03 37.64 -8.17
CA SER A 131 12.13 36.98 -8.91
C SER A 131 11.50 35.86 -9.74
N ASP A 132 12.29 35.11 -10.50
CA ASP A 132 11.80 34.03 -11.38
C ASP A 132 11.68 32.72 -10.61
N ILE A 133 12.01 32.71 -9.32
CA ILE A 133 11.95 31.46 -8.54
C ILE A 133 10.49 31.03 -8.41
N GLY A 134 10.20 29.73 -8.52
CA GLY A 134 8.81 29.21 -8.40
C GLY A 134 8.44 28.73 -7.00
N ILE A 135 7.39 27.94 -6.92
CA ILE A 135 6.73 27.63 -5.64
C ILE A 135 7.62 26.84 -4.69
N ILE A 136 8.26 25.74 -5.10
CA ILE A 136 8.92 24.82 -4.12
C ILE A 136 9.94 25.63 -3.30
N PRO A 137 10.90 26.39 -3.88
CA PRO A 137 11.82 27.12 -3.01
C PRO A 137 11.20 28.18 -2.11
N ARG A 138 10.14 28.83 -2.56
CA ARG A 138 9.41 29.83 -1.74
C ARG A 138 8.77 29.10 -0.57
N ALA A 139 8.15 27.94 -0.79
CA ALA A 139 7.48 27.18 0.28
C ALA A 139 8.48 26.73 1.35
N LEU A 140 9.66 26.24 0.92
N LEU A 140 9.66 26.27 0.93
CA LEU A 140 10.74 25.80 1.84
CA LEU A 140 10.74 25.81 1.84
C LEU A 140 11.19 26.99 2.69
C LEU A 140 11.26 26.98 2.66
N SER A 141 11.43 28.13 2.04
CA SER A 141 11.93 29.36 2.67
C SER A 141 10.90 29.80 3.72
N HIS A 142 9.63 29.83 3.32
CA HIS A 142 8.50 30.28 4.18
C HIS A 142 8.37 29.32 5.36
N LEU A 143 8.44 28.02 5.13
CA LEU A 143 8.26 27.08 6.26
C LEU A 143 9.37 27.24 7.28
N PHE A 144 10.64 27.41 6.84
CA PHE A 144 11.75 27.59 7.80
C PHE A 144 11.60 28.92 8.55
N ASP A 145 11.18 29.95 7.84
CA ASP A 145 10.93 31.29 8.46
C ASP A 145 9.90 31.16 9.59
N GLU A 146 8.83 30.38 9.39
CA GLU A 146 7.81 30.18 10.42
C GLU A 146 8.36 29.31 11.56
N LEU A 147 8.97 28.19 11.22
CA LEU A 147 9.47 27.25 12.23
C LEU A 147 10.54 27.94 13.12
N ARG A 148 11.35 28.84 12.59
CA ARG A 148 12.39 29.61 13.32
C ARG A 148 11.77 30.38 14.49
N MET A 149 10.49 30.80 14.34
CA MET A 149 9.87 31.64 15.39
C MET A 149 9.05 30.80 16.37
N MET A 150 8.80 29.54 16.11
CA MET A 150 7.86 28.74 16.89
C MET A 150 8.56 28.17 18.13
N GLU A 151 7.81 28.22 19.23
CA GLU A 151 8.29 27.64 20.52
C GLU A 151 7.87 26.16 20.50
N VAL A 152 8.55 25.40 19.67
CA VAL A 152 8.28 23.96 19.50
C VAL A 152 9.61 23.23 19.34
N GLU A 153 9.56 21.90 19.40
CA GLU A 153 10.55 21.00 18.80
C GLU A 153 9.99 20.48 17.49
N TYR A 154 10.78 20.38 16.46
CA TYR A 154 10.22 19.91 15.16
C TYR A 154 11.24 19.07 14.48
N THR A 155 10.77 18.15 13.62
CA THR A 155 11.63 17.51 12.60
C THR A 155 11.00 17.78 11.22
N MET A 156 11.82 17.98 10.21
CA MET A 156 11.39 18.11 8.80
C MET A 156 12.16 17.10 7.97
N ARG A 157 11.40 16.29 7.24
CA ARG A 157 11.91 15.26 6.30
C ARG A 157 11.36 15.53 4.90
N ILE A 158 12.24 15.41 3.92
CA ILE A 158 11.95 15.71 2.50
C ILE A 158 11.99 14.40 1.76
N SER A 159 11.10 14.27 0.82
CA SER A 159 11.23 13.23 -0.22
CA SER A 159 11.13 13.20 -0.21
C SER A 159 10.91 13.82 -1.58
N TYR A 160 11.44 13.22 -2.62
CA TYR A 160 11.30 13.73 -3.98
C TYR A 160 11.16 12.52 -4.88
N LEU A 161 9.93 12.29 -5.32
CA LEU A 161 9.51 11.02 -6.01
C LEU A 161 9.27 11.35 -7.46
N GLU A 162 9.65 10.45 -8.36
CA GLU A 162 9.31 10.60 -9.78
C GLU A 162 8.52 9.38 -10.20
N LEU A 163 7.51 9.59 -11.02
CA LEU A 163 6.74 8.55 -11.69
C LEU A 163 7.01 8.71 -13.18
N TYR A 164 7.73 7.75 -13.74
CA TYR A 164 8.25 7.79 -15.12
C TYR A 164 7.88 6.48 -15.82
N ASN A 165 7.10 6.59 -16.88
CA ASN A 165 6.62 5.41 -17.65
C ASN A 165 6.09 4.37 -16.65
N GLU A 166 5.29 4.80 -15.68
CA GLU A 166 4.58 4.00 -14.65
C GLU A 166 5.51 3.34 -13.65
N GLU A 167 6.77 3.74 -13.58
CA GLU A 167 7.71 3.23 -12.56
C GLU A 167 8.05 4.37 -11.60
N LEU A 168 8.22 4.05 -10.32
CA LEU A 168 8.58 5.01 -9.25
C LEU A 168 10.09 5.12 -9.10
N CYS A 169 10.62 6.33 -9.02
CA CYS A 169 12.08 6.59 -8.89
CA CYS A 169 12.07 6.55 -8.87
C CYS A 169 12.26 7.61 -7.77
N ASP A 170 13.26 7.39 -6.93
CA ASP A 170 13.62 8.31 -5.84
C ASP A 170 14.61 9.33 -6.39
N LEU A 171 14.23 10.60 -6.56
CA LEU A 171 15.19 11.61 -7.07
C LEU A 171 16.31 11.95 -6.07
N LEU A 172 16.20 11.56 -4.79
CA LEU A 172 17.25 11.91 -3.81
C LEU A 172 18.20 10.71 -3.59
N SER A 173 17.99 9.56 -4.23
CA SER A 173 18.94 8.41 -4.18
CA SER A 173 18.92 8.40 -4.19
C SER A 173 20.15 8.73 -5.07
N THR A 174 21.35 8.29 -4.64
CA THR A 174 22.62 8.49 -5.41
C THR A 174 22.95 7.22 -6.20
N ASP A 175 22.17 6.15 -6.06
CA ASP A 175 22.37 4.90 -6.85
C ASP A 175 21.02 4.28 -7.19
N ASP A 176 21.06 3.12 -7.88
CA ASP A 176 19.91 2.33 -8.34
C ASP A 176 19.72 1.12 -7.41
N THR A 177 20.14 1.24 -6.17
CA THR A 177 20.34 0.09 -5.25
C THR A 177 19.06 -0.24 -4.45
N THR A 178 18.09 0.67 -4.35
CA THR A 178 16.90 0.54 -3.46
C THR A 178 15.61 0.52 -4.28
N LYS A 179 14.80 -0.51 -4.12
CA LYS A 179 13.52 -0.72 -4.84
C LYS A 179 12.43 0.17 -4.18
N ILE A 180 11.57 0.82 -4.96
CA ILE A 180 10.45 1.69 -4.46
C ILE A 180 9.13 0.98 -4.68
N ARG A 181 8.35 0.72 -3.64
CA ARG A 181 7.05 0.03 -3.82
C ARG A 181 5.97 0.88 -3.14
N ILE A 182 4.76 0.81 -3.69
CA ILE A 182 3.55 1.53 -3.23
C ILE A 182 2.56 0.51 -2.67
N PHE A 183 2.09 0.75 -1.45
CA PHE A 183 1.07 -0.06 -0.77
C PHE A 183 -0.13 0.84 -0.51
N ASP A 184 -1.32 0.42 -0.89
CA ASP A 184 -2.60 1.06 -0.48
C ASP A 184 -2.68 1.00 1.05
N ASP A 185 -3.06 2.10 1.71
CA ASP A 185 -2.63 2.55 3.06
C ASP A 185 -3.35 1.90 4.25
N SER A 186 -2.95 2.40 5.44
CA SER A 186 -3.25 1.92 6.81
C SER A 186 -4.63 2.40 7.30
N THR A 187 -4.72 2.97 8.52
CA THR A 187 -5.98 3.28 9.27
C THR A 187 -6.67 4.49 8.63
N LYS A 188 -5.94 5.27 7.83
CA LYS A 188 -6.47 6.40 7.02
C LYS A 188 -7.26 5.85 5.83
N LYS A 189 -7.23 4.53 5.61
CA LYS A 189 -7.99 3.77 4.58
C LYS A 189 -8.49 4.72 3.48
N GLY A 190 -7.55 5.36 2.76
CA GLY A 190 -7.78 6.17 1.54
C GLY A 190 -6.48 6.71 0.92
N SER A 191 -5.34 6.12 1.30
CA SER A 191 -3.97 6.72 1.29
C SER A 191 -2.96 5.71 0.70
N VAL A 192 -1.69 6.09 0.56
CA VAL A 192 -0.63 5.11 0.15
C VAL A 192 0.57 5.20 1.08
N ILE A 193 1.30 4.09 1.20
CA ILE A 193 2.65 3.98 1.82
C ILE A 193 3.66 3.69 0.72
N ILE A 194 4.75 4.45 0.65
CA ILE A 194 5.82 4.24 -0.36
C ILE A 194 7.06 3.65 0.33
N GLN A 195 7.30 2.36 0.18
CA GLN A 195 8.46 1.72 0.82
C GLN A 195 9.71 2.01 -0.01
N GLY A 196 10.79 2.37 0.67
CA GLY A 196 12.14 2.53 0.11
C GLY A 196 12.42 3.94 -0.31
N LEU A 197 11.46 4.84 -0.23
CA LEU A 197 11.71 6.22 -0.67
C LEU A 197 12.50 6.90 0.44
N GLU A 198 13.57 7.63 0.12
CA GLU A 198 14.35 8.42 1.12
C GLU A 198 13.45 9.47 1.75
N GLU A 199 13.52 9.62 3.07
CA GLU A 199 12.80 10.69 3.82
C GLU A 199 13.87 11.43 4.60
N ILE A 200 14.53 12.33 3.92
CA ILE A 200 15.81 12.92 4.43
C ILE A 200 15.57 14.04 5.42
N PRO A 201 16.12 13.91 6.66
CA PRO A 201 16.02 14.98 7.62
C PRO A 201 16.83 16.20 7.16
N VAL A 202 16.25 17.39 7.33
CA VAL A 202 16.86 18.67 6.90
C VAL A 202 16.73 19.62 8.10
N HIS A 203 17.73 20.46 8.27
CA HIS A 203 17.84 21.28 9.49
C HIS A 203 17.97 22.74 9.11
N SER A 204 18.09 23.05 7.82
CA SER A 204 18.28 24.44 7.34
C SER A 204 17.68 24.57 5.94
N LYS A 205 17.47 25.82 5.52
CA LYS A 205 17.20 26.21 4.12
C LYS A 205 18.34 25.71 3.24
N ASP A 206 19.62 25.92 3.63
CA ASP A 206 20.77 25.44 2.83
C ASP A 206 20.60 23.96 2.56
N ASP A 207 20.33 23.17 3.59
CA ASP A 207 20.18 21.71 3.41
C ASP A 207 19.11 21.39 2.37
N VAL A 208 17.93 22.00 2.43
CA VAL A 208 16.80 21.65 1.50
CA VAL A 208 16.83 21.62 1.50
C VAL A 208 17.11 22.21 0.11
N TYR A 209 17.68 23.40 0.03
CA TYR A 209 18.07 23.93 -1.32
C TYR A 209 19.02 22.94 -2.01
N LYS A 210 20.00 22.41 -1.25
CA LYS A 210 21.03 21.49 -1.82
C LYS A 210 20.34 20.19 -2.27
N LEU A 211 19.33 19.70 -1.54
CA LEU A 211 18.56 18.50 -1.96
C LEU A 211 17.70 18.78 -3.17
N LEU A 212 16.99 19.90 -3.22
CA LEU A 212 16.13 20.24 -4.38
C LEU A 212 17.02 20.27 -5.61
N GLU A 213 18.17 20.96 -5.51
CA GLU A 213 19.04 21.09 -6.69
C GLU A 213 19.50 19.70 -7.15
N LYS A 214 19.88 18.80 -6.24
CA LYS A 214 20.39 17.46 -6.65
C LYS A 214 19.25 16.67 -7.30
N GLY A 215 18.06 16.77 -6.70
CA GLY A 215 16.92 16.03 -7.26
C GLY A 215 16.47 16.62 -8.56
N LYS A 216 16.56 17.93 -8.73
CA LYS A 216 16.14 18.56 -10.00
C LYS A 216 16.98 18.03 -11.15
N GLU A 217 18.27 17.87 -10.92
CA GLU A 217 19.22 17.39 -11.95
C GLU A 217 18.88 15.97 -12.39
N ARG A 218 18.26 15.15 -11.54
CA ARG A 218 17.95 13.73 -11.83
C ARG A 218 16.64 13.58 -12.62
N ARG A 219 15.78 14.59 -12.68
CA ARG A 219 14.44 14.51 -13.29
C ARG A 219 14.59 14.12 -14.76
N LYS A 220 13.69 13.26 -15.22
CA LYS A 220 13.60 12.87 -16.63
C LYS A 220 13.02 14.03 -17.42
N THR A 221 13.84 14.60 -18.29
CA THR A 221 13.45 15.73 -19.15
C THR A 221 13.95 15.58 -20.59
N ALA A 222 13.34 16.33 -21.48
CA ALA A 222 13.67 16.30 -22.93
C ALA A 222 13.86 17.72 -23.42
N THR A 223 14.86 18.00 -24.27
CA THR A 223 15.07 19.37 -24.81
C THR A 223 14.13 19.53 -26.01
N THR A 224 12.97 20.16 -25.84
CA THR A 224 11.91 20.30 -26.89
C THR A 224 11.89 21.76 -27.37
N LEU A 225 11.47 22.05 -28.59
CA LEU A 225 11.44 23.48 -29.06
C LEU A 225 10.45 24.31 -28.22
N MET A 226 10.90 25.43 -27.64
CA MET A 226 10.09 26.32 -26.73
C MET A 226 9.75 25.61 -25.43
N ASN A 227 10.41 24.50 -25.11
CA ASN A 227 10.07 23.62 -23.95
C ASN A 227 11.33 22.82 -23.65
N ALA A 228 12.42 23.54 -23.36
CA ALA A 228 13.78 22.98 -23.44
C ALA A 228 14.04 22.09 -22.24
N GLN A 229 13.21 22.14 -21.18
CA GLN A 229 13.30 21.19 -20.06
C GLN A 229 11.92 20.53 -19.88
N SER A 230 11.30 20.10 -21.00
CA SER A 230 9.99 19.36 -20.97
C SER A 230 10.08 18.24 -19.93
N SER A 231 9.12 18.17 -19.02
CA SER A 231 9.01 17.10 -18.00
C SER A 231 8.49 15.82 -18.66
N ARG A 232 9.31 14.77 -18.64
CA ARG A 232 8.88 13.45 -19.16
C ARG A 232 8.34 12.58 -18.03
N SER A 233 8.28 13.08 -16.80
CA SER A 233 7.83 12.33 -15.62
C SER A 233 6.92 13.25 -14.81
N HIS A 234 6.12 12.66 -13.93
CA HIS A 234 5.41 13.39 -12.88
C HIS A 234 6.30 13.44 -11.66
N THR A 235 6.42 14.59 -10.99
CA THR A 235 7.29 14.62 -9.78
C THR A 235 6.52 15.17 -8.58
N VAL A 236 6.77 14.60 -7.43
CA VAL A 236 6.14 14.99 -6.15
C VAL A 236 7.27 15.35 -5.17
N PHE A 237 7.29 16.58 -4.72
CA PHE A 237 8.21 17.03 -3.64
C PHE A 237 7.36 17.13 -2.38
N SER A 238 7.73 16.34 -1.38
CA SER A 238 6.92 16.21 -0.14
C SER A 238 7.77 16.70 1.01
N ILE A 239 7.17 17.52 1.85
CA ILE A 239 7.74 18.05 3.10
C ILE A 239 6.89 17.55 4.24
N VAL A 240 7.48 16.85 5.21
CA VAL A 240 6.69 16.33 6.35
C VAL A 240 7.30 16.96 7.60
N VAL A 241 6.46 17.57 8.39
CA VAL A 241 6.92 18.26 9.63
CA VAL A 241 6.97 18.21 9.65
C VAL A 241 6.22 17.60 10.83
N HIS A 242 6.98 17.12 11.80
CA HIS A 242 6.52 16.70 13.14
C HIS A 242 6.80 17.85 14.10
N ILE A 243 5.76 18.38 14.79
CA ILE A 243 5.84 19.55 15.68
C ILE A 243 5.30 19.14 17.03
N ARG A 244 6.15 19.22 18.08
CA ARG A 244 5.75 18.90 19.47
C ARG A 244 5.83 20.24 20.24
N GLU A 245 4.73 20.63 20.89
CA GLU A 245 4.64 22.01 21.47
C GLU A 245 5.41 22.01 22.77
N ASN A 246 6.31 23.01 23.01
CA ASN A 246 7.02 23.13 24.31
C ASN A 246 8.55 23.09 24.08
N GLU A 251 -0.58 17.05 28.84
CA GLU A 251 -0.16 16.18 27.70
C GLU A 251 0.71 17.01 26.75
N ASP A 252 1.81 16.42 26.24
CA ASP A 252 2.58 16.92 25.07
C ASP A 252 1.75 16.70 23.79
N MET A 253 1.56 17.75 23.00
CA MET A 253 0.75 17.66 21.76
C MET A 253 1.71 17.53 20.58
N LEU A 254 1.59 16.43 19.80
CA LEU A 254 2.35 16.25 18.55
C LEU A 254 1.43 16.39 17.32
N LYS A 255 1.78 17.30 16.41
CA LYS A 255 1.05 17.50 15.13
C LYS A 255 1.98 17.07 14.01
N ILE A 256 1.43 16.46 12.97
CA ILE A 256 2.19 16.10 11.77
C ILE A 256 1.55 16.85 10.61
N GLY A 257 2.30 17.74 9.97
CA GLY A 257 1.85 18.45 8.76
C GLY A 257 2.56 17.93 7.52
N LYS A 258 1.91 17.98 6.36
CA LYS A 258 2.56 17.55 5.11
C LYS A 258 2.24 18.54 4.01
N LEU A 259 3.23 18.82 3.19
CA LEU A 259 3.00 19.66 2.00
C LEU A 259 3.56 18.93 0.79
N ASN A 260 2.66 18.62 -0.12
CA ASN A 260 3.01 17.88 -1.34
C ASN A 260 2.90 18.83 -2.52
N LEU A 261 4.01 19.06 -3.18
CA LEU A 261 4.13 20.00 -4.29
C LEU A 261 4.39 19.23 -5.57
N VAL A 262 3.36 19.17 -6.41
CA VAL A 262 3.33 18.20 -7.53
C VAL A 262 3.41 18.93 -8.87
N ASP A 263 4.42 18.50 -9.67
CA ASP A 263 4.57 19.02 -11.03
C ASP A 263 4.18 17.88 -11.97
N LEU A 264 3.07 17.96 -12.66
CA LEU A 264 2.70 16.88 -13.60
C LEU A 264 3.43 17.12 -14.94
N ALA A 265 3.72 16.05 -15.66
CA ALA A 265 4.03 16.12 -17.12
C ALA A 265 2.79 16.56 -17.88
N GLY A 266 2.93 17.20 -19.04
CA GLY A 266 1.86 17.86 -19.80
C GLY A 266 1.23 16.92 -20.82
N SER A 267 -0.07 17.08 -21.03
CA SER A 267 -0.79 16.37 -22.10
C SER A 267 -0.33 16.90 -23.46
N GLU A 268 -0.44 16.05 -24.47
CA GLU A 268 -0.15 16.50 -25.83
C GLU A 268 -1.15 15.84 -26.79
N ASN A 269 -1.72 16.69 -27.65
CA ASN A 269 -2.68 16.37 -28.74
C ASN A 269 -1.93 15.50 -29.73
N VAL A 270 -2.29 14.24 -29.81
CA VAL A 270 -1.51 13.22 -30.54
C VAL A 270 -2.04 13.19 -31.98
N GLU A 276 7.75 9.07 -33.49
CA GLU A 276 6.55 8.37 -34.04
C GLU A 276 6.55 6.89 -33.66
N LYS A 277 7.73 6.25 -33.62
CA LYS A 277 8.02 5.18 -32.63
C LYS A 277 9.09 5.70 -31.69
N GLY A 278 9.32 4.98 -30.58
CA GLY A 278 10.45 5.25 -29.71
C GLY A 278 10.02 5.68 -28.33
N ILE A 279 11.02 5.74 -27.46
CA ILE A 279 10.84 6.12 -26.04
CA ILE A 279 10.82 6.11 -26.03
C ILE A 279 10.01 7.41 -25.99
N ARG A 280 10.25 8.37 -26.87
CA ARG A 280 9.43 9.63 -26.80
C ARG A 280 7.93 9.37 -26.89
N VAL A 281 7.53 8.53 -27.84
CA VAL A 281 6.10 8.24 -28.08
C VAL A 281 5.58 7.40 -26.90
N ARG A 282 6.36 6.43 -26.38
CA ARG A 282 5.93 5.64 -25.19
C ARG A 282 5.71 6.55 -23.96
N GLU A 283 6.57 7.54 -23.80
CA GLU A 283 6.39 8.56 -22.73
C GLU A 283 5.09 9.33 -22.99
N THR A 284 4.84 9.81 -24.22
CA THR A 284 3.63 10.57 -24.52
C THR A 284 2.41 9.72 -24.22
N VAL A 285 2.44 8.43 -24.58
CA VAL A 285 1.26 7.54 -24.38
C VAL A 285 1.03 7.39 -22.87
N ASN A 286 2.10 7.17 -22.11
CA ASN A 286 1.97 6.94 -20.64
C ASN A 286 1.53 8.24 -19.97
N ILE A 287 2.10 9.39 -20.34
CA ILE A 287 1.71 10.70 -19.76
C ILE A 287 0.23 10.94 -20.08
N ASN A 288 -0.15 10.82 -21.34
CA ASN A 288 -1.55 11.11 -21.73
C ASN A 288 -2.51 10.14 -21.02
N GLN A 289 -2.20 8.83 -20.94
CA GLN A 289 -3.07 7.84 -20.25
C GLN A 289 -3.22 8.15 -18.74
N SER A 290 -2.14 8.45 -18.04
CA SER A 290 -2.19 8.82 -16.62
C SER A 290 -3.03 10.09 -16.47
N LEU A 291 -2.91 11.08 -17.37
CA LEU A 291 -3.76 12.31 -17.26
C LEU A 291 -5.20 12.00 -17.62
N LEU A 292 -5.47 11.09 -18.56
CA LEU A 292 -6.84 10.73 -18.84
C LEU A 292 -7.44 10.09 -17.57
N THR A 293 -6.68 9.26 -16.89
CA THR A 293 -7.16 8.62 -15.64
C THR A 293 -7.45 9.71 -14.62
N LEU A 294 -6.57 10.70 -14.46
CA LEU A 294 -6.85 11.84 -13.52
C LEU A 294 -8.16 12.56 -13.92
N GLY A 295 -8.38 12.80 -15.20
CA GLY A 295 -9.68 13.36 -15.65
C GLY A 295 -10.87 12.47 -15.28
N ARG A 296 -10.75 11.17 -15.47
CA ARG A 296 -11.82 10.18 -15.10
C ARG A 296 -12.07 10.24 -13.60
N VAL A 297 -11.02 10.40 -12.81
CA VAL A 297 -11.15 10.49 -11.32
C VAL A 297 -11.91 11.78 -10.97
N ILE A 298 -11.54 12.89 -11.59
CA ILE A 298 -12.23 14.20 -11.35
C ILE A 298 -13.72 14.04 -11.75
N THR A 299 -13.98 13.49 -12.92
CA THR A 299 -15.35 13.34 -13.43
C THR A 299 -16.15 12.43 -12.52
N ALA A 300 -15.58 11.31 -12.09
CA ALA A 300 -16.28 10.36 -11.20
C ALA A 300 -16.66 11.05 -9.88
N LEU A 301 -15.74 11.81 -9.32
CA LEU A 301 -15.98 12.53 -8.06
C LEU A 301 -17.11 13.54 -8.24
N VAL A 302 -17.07 14.34 -9.30
CA VAL A 302 -18.06 15.44 -9.47
C VAL A 302 -19.42 14.86 -9.94
N ASP A 303 -19.41 13.83 -10.74
CA ASP A 303 -20.67 13.15 -11.17
C ASP A 303 -21.28 12.36 -9.99
N ARG A 304 -20.48 12.04 -8.96
CA ARG A 304 -20.82 11.11 -7.85
C ARG A 304 -21.12 9.70 -8.37
N ALA A 305 -20.24 9.17 -9.20
CA ALA A 305 -20.24 7.80 -9.71
C ALA A 305 -19.82 6.89 -8.54
N PRO A 306 -20.36 5.67 -8.40
CA PRO A 306 -20.02 4.85 -7.23
C PRO A 306 -18.55 4.39 -7.21
N HIS A 307 -17.88 4.27 -8.34
CA HIS A 307 -16.48 3.77 -8.41
C HIS A 307 -15.63 4.95 -8.88
N VAL A 308 -14.66 5.35 -8.08
CA VAL A 308 -13.71 6.40 -8.53
C VAL A 308 -12.44 5.67 -8.90
N PRO A 309 -12.00 5.74 -10.19
CA PRO A 309 -10.97 4.82 -10.68
C PRO A 309 -9.54 5.19 -10.27
N TYR A 310 -9.33 5.47 -8.98
CA TYR A 310 -7.95 5.84 -8.54
C TYR A 310 -6.93 4.77 -8.91
N ARG A 311 -7.31 3.50 -8.81
CA ARG A 311 -6.32 2.43 -8.95
C ARG A 311 -5.96 2.28 -10.43
N GLU A 312 -6.57 3.01 -11.37
CA GLU A 312 -6.28 2.71 -12.80
C GLU A 312 -4.98 3.33 -13.23
N SER A 313 -4.37 4.16 -12.37
CA SER A 313 -3.05 4.78 -12.67
CA SER A 313 -3.00 4.64 -12.66
C SER A 313 -2.20 4.89 -11.38
N LYS A 314 -0.90 4.74 -11.48
CA LYS A 314 -0.03 5.03 -10.31
C LYS A 314 -0.23 6.49 -9.95
N LEU A 315 -0.40 7.39 -10.94
CA LEU A 315 -0.55 8.84 -10.60
C LEU A 315 -1.76 9.06 -9.69
N THR A 316 -2.87 8.45 -10.02
CA THR A 316 -4.12 8.68 -9.26
C THR A 316 -4.08 7.89 -7.95
N ARG A 317 -3.29 6.82 -7.87
CA ARG A 317 -3.02 6.20 -6.56
C ARG A 317 -2.28 7.18 -5.65
N LEU A 318 -1.25 7.87 -6.18
CA LEU A 318 -0.50 8.89 -5.41
C LEU A 318 -1.39 10.07 -5.03
N LEU A 319 -2.26 10.52 -5.92
CA LEU A 319 -3.06 11.74 -5.73
C LEU A 319 -4.37 11.39 -5.01
N GLN A 320 -4.65 10.10 -4.75
CA GLN A 320 -5.97 9.71 -4.20
C GLN A 320 -6.32 10.53 -2.96
N GLU A 321 -5.44 10.59 -1.97
CA GLU A 321 -5.74 11.37 -0.74
C GLU A 321 -6.09 12.82 -1.04
N SER A 322 -5.47 13.39 -2.08
CA SER A 322 -5.65 14.81 -2.45
C SER A 322 -6.96 15.06 -3.19
N LEU A 323 -7.64 14.02 -3.69
CA LEU A 323 -8.83 14.17 -4.55
C LEU A 323 -10.05 13.51 -3.89
N GLY A 324 -10.75 14.26 -3.06
CA GLY A 324 -11.94 13.82 -2.27
C GLY A 324 -11.51 13.23 -0.92
N GLY A 325 -10.27 13.42 -0.52
CA GLY A 325 -9.68 12.80 0.69
C GLY A 325 -9.40 13.81 1.80
N ARG A 326 -8.55 13.44 2.74
CA ARG A 326 -8.26 14.22 3.97
C ARG A 326 -7.04 15.12 3.70
N THR A 327 -7.21 16.02 2.73
CA THR A 327 -6.19 17.05 2.43
CA THR A 327 -6.20 16.98 2.23
C THR A 327 -6.85 18.36 2.04
N LYS A 328 -6.10 19.45 2.17
CA LYS A 328 -6.42 20.72 1.55
C LYS A 328 -5.70 20.69 0.23
N THR A 329 -6.39 20.85 -0.88
CA THR A 329 -5.77 20.69 -2.19
C THR A 329 -6.04 21.92 -3.01
N SER A 330 -5.03 22.36 -3.69
CA SER A 330 -5.13 23.46 -4.64
C SER A 330 -4.61 22.99 -5.98
N ILE A 331 -5.25 23.40 -7.02
CA ILE A 331 -4.84 23.01 -8.38
C ILE A 331 -4.46 24.28 -9.11
N ILE A 332 -3.34 24.26 -9.82
CA ILE A 332 -2.97 25.33 -10.79
C ILE A 332 -3.06 24.68 -12.17
N ALA A 333 -4.06 25.09 -12.92
CA ALA A 333 -4.27 24.69 -14.33
C ALA A 333 -3.53 25.72 -15.19
N THR A 334 -2.64 25.24 -16.04
CA THR A 334 -1.80 26.11 -16.90
C THR A 334 -2.32 25.99 -18.31
N ILE A 335 -2.43 27.12 -18.99
CA ILE A 335 -2.89 27.11 -20.39
C ILE A 335 -2.03 28.07 -21.25
N SER A 336 -2.06 27.77 -22.53
CA SER A 336 -1.55 28.64 -23.60
C SER A 336 -2.63 29.60 -24.06
N PRO A 337 -2.31 30.84 -24.52
CA PRO A 337 -3.32 31.75 -25.02
C PRO A 337 -3.65 31.58 -26.52
N GLY A 338 -2.89 30.75 -27.25
CA GLY A 338 -2.96 30.61 -28.72
C GLY A 338 -4.14 29.81 -29.22
N HIS A 339 -4.74 30.21 -30.34
CA HIS A 339 -5.83 29.48 -31.04
C HIS A 339 -5.39 28.07 -31.45
N LYS A 340 -4.11 27.85 -31.79
CA LYS A 340 -3.61 26.52 -32.21
C LYS A 340 -3.83 25.52 -31.08
N ASP A 341 -3.88 26.00 -29.82
CA ASP A 341 -3.97 25.10 -28.63
C ASP A 341 -5.37 25.05 -28.01
N ILE A 342 -6.37 25.67 -28.63
CA ILE A 342 -7.68 25.93 -27.96
C ILE A 342 -8.37 24.61 -27.58
N GLU A 343 -8.29 23.51 -28.36
CA GLU A 343 -8.89 22.24 -27.89
C GLU A 343 -8.21 21.75 -26.60
N GLU A 344 -6.88 21.77 -26.52
CA GLU A 344 -6.20 21.31 -25.28
C GLU A 344 -6.54 22.30 -24.14
N THR A 345 -6.54 23.58 -24.43
CA THR A 345 -6.84 24.61 -23.39
C THR A 345 -8.26 24.39 -22.86
N LEU A 346 -9.26 24.20 -23.72
CA LEU A 346 -10.67 24.00 -23.27
C LEU A 346 -10.74 22.72 -22.44
N SER A 347 -10.04 21.65 -22.79
CA SER A 347 -10.07 20.41 -21.98
C SER A 347 -9.55 20.75 -20.56
N THR A 348 -8.38 21.39 -20.53
CA THR A 348 -7.83 21.78 -19.20
C THR A 348 -8.84 22.61 -18.44
N LEU A 349 -9.38 23.67 -19.06
CA LEU A 349 -10.31 24.59 -18.35
C LEU A 349 -11.54 23.82 -17.92
N GLU A 350 -12.04 22.91 -18.74
CA GLU A 350 -13.30 22.19 -18.37
C GLU A 350 -13.02 21.27 -17.17
N TYR A 351 -11.91 20.54 -17.17
CA TYR A 351 -11.54 19.63 -16.05
C TYR A 351 -11.31 20.51 -14.81
N ALA A 352 -10.61 21.64 -14.92
CA ALA A 352 -10.34 22.53 -13.77
C ALA A 352 -11.64 23.07 -13.17
N HIS A 353 -12.52 23.58 -14.03
CA HIS A 353 -13.85 24.15 -13.67
C HIS A 353 -14.63 23.08 -12.91
N ARG A 354 -14.64 21.83 -13.35
CA ARG A 354 -15.37 20.73 -12.62
C ARG A 354 -14.70 20.36 -11.29
N ALA A 355 -13.37 20.42 -11.20
CA ALA A 355 -12.66 20.03 -9.97
C ALA A 355 -13.01 21.01 -8.83
N LYS A 356 -13.51 22.19 -9.10
CA LYS A 356 -13.87 23.15 -8.01
C LYS A 356 -14.99 22.54 -7.16
N ASN A 357 -15.74 21.60 -7.73
CA ASN A 357 -16.89 21.00 -7.02
C ASN A 357 -16.46 19.85 -6.12
N ILE A 358 -15.18 19.42 -6.14
CA ILE A 358 -14.73 18.24 -5.36
C ILE A 358 -14.66 18.70 -3.91
N GLN A 359 -15.31 17.93 -3.04
CA GLN A 359 -15.31 18.20 -1.58
C GLN A 359 -14.31 17.33 -0.91
N ASN A 360 -13.33 17.92 -0.24
CA ASN A 360 -12.33 17.21 0.58
C ASN A 360 -12.77 17.26 2.04
N LYS A 361 -12.14 16.46 2.87
CA LYS A 361 -12.47 16.37 4.32
C LYS A 361 -11.18 16.45 5.12
N PRO A 362 -10.52 17.62 5.12
CA PRO A 362 -9.21 17.76 5.81
C PRO A 362 -9.41 17.55 7.31
N GLU A 363 -8.40 16.98 7.92
CA GLU A 363 -8.38 16.61 9.35
C GLU A 363 -7.00 16.92 9.88
N VAL A 364 -6.88 17.44 11.08
CA VAL A 364 -5.59 17.62 11.79
C VAL A 364 -4.99 16.27 12.18
N ASN A 365 -3.74 16.04 11.84
CA ASN A 365 -3.01 14.85 12.33
C ASN A 365 -2.38 15.23 13.67
N GLN A 366 -3.06 14.84 14.77
CA GLN A 366 -2.58 15.15 16.14
C GLN A 366 -2.54 13.81 16.85
N LYS A 367 -1.34 13.22 16.94
CA LYS A 367 -1.08 11.89 17.54
C LYS A 367 -0.96 12.09 19.05
N LEU A 368 -1.86 12.88 19.65
CA LEU A 368 -1.92 13.08 21.13
C LEU A 368 -0.46 13.28 21.60
N THR A 369 0.06 12.51 22.60
CA THR A 369 1.51 12.25 22.95
C THR A 369 1.87 12.91 24.29
N GLN B 20 14.53 -18.07 -1.18
CA GLN B 20 13.69 -19.08 -1.90
C GLN B 20 13.66 -20.34 -1.05
N ASN B 21 12.63 -20.51 -0.20
CA ASN B 21 12.58 -21.67 0.70
C ASN B 21 11.37 -21.63 1.64
N ILE B 22 10.72 -20.50 1.93
CA ILE B 22 9.27 -20.57 2.31
C ILE B 22 8.56 -21.29 1.16
N GLN B 23 7.83 -22.36 1.44
CA GLN B 23 7.07 -23.12 0.42
C GLN B 23 5.73 -22.41 0.25
N VAL B 24 5.34 -22.10 -0.97
CA VAL B 24 4.10 -21.32 -1.22
C VAL B 24 3.20 -22.13 -2.15
N TYR B 25 1.94 -22.23 -1.76
CA TYR B 25 0.90 -23.00 -2.46
C TYR B 25 -0.26 -22.05 -2.72
N VAL B 26 -0.96 -22.25 -3.80
CA VAL B 26 -2.19 -21.44 -4.08
C VAL B 26 -3.35 -22.41 -4.10
N ARG B 27 -4.46 -21.95 -3.53
CA ARG B 27 -5.74 -22.69 -3.61
C ARG B 27 -6.85 -21.77 -4.07
N VAL B 28 -7.45 -22.14 -5.19
CA VAL B 28 -8.58 -21.43 -5.86
C VAL B 28 -9.88 -22.12 -5.40
N ARG B 29 -10.73 -21.40 -4.71
CA ARG B 29 -12.04 -21.97 -4.28
C ARG B 29 -12.96 -21.94 -5.49
N PRO B 30 -14.00 -22.81 -5.55
CA PRO B 30 -15.02 -22.73 -6.61
C PRO B 30 -15.88 -21.45 -6.51
N LEU B 31 -16.44 -21.02 -7.64
CA LEU B 31 -17.60 -20.09 -7.68
C LEU B 31 -18.61 -20.48 -6.59
N ASN B 32 -19.13 -19.51 -5.83
CA ASN B 32 -20.26 -19.76 -4.89
C ASN B 32 -21.59 -19.51 -5.64
N SER B 33 -22.73 -19.75 -4.99
CA SER B 33 -24.06 -19.61 -5.63
C SER B 33 -24.27 -18.18 -6.12
N ARG B 34 -23.84 -17.17 -5.35
CA ARG B 34 -24.09 -15.72 -5.65
C ARG B 34 -23.33 -15.34 -6.92
N GLU B 35 -22.11 -15.87 -7.07
CA GLU B 35 -21.23 -15.62 -8.24
C GLU B 35 -21.81 -16.33 -9.46
N ARG B 36 -22.37 -17.54 -9.26
CA ARG B 36 -23.03 -18.27 -10.37
C ARG B 36 -24.27 -17.49 -10.80
N CYS B 37 -25.08 -17.00 -9.83
CA CYS B 37 -26.37 -16.30 -10.13
C CYS B 37 -26.13 -15.03 -10.98
N ILE B 38 -25.05 -14.30 -10.77
CA ILE B 38 -24.80 -13.05 -11.54
C ILE B 38 -23.93 -13.39 -12.77
N ARG B 39 -23.54 -14.67 -12.96
CA ARG B 39 -22.70 -15.16 -14.07
C ARG B 39 -21.33 -14.47 -14.06
N SER B 40 -20.71 -14.32 -12.89
CA SER B 40 -19.36 -13.72 -12.76
C SER B 40 -18.38 -14.37 -13.75
N ALA B 41 -17.56 -13.53 -14.37
CA ALA B 41 -16.42 -13.94 -15.21
C ALA B 41 -15.42 -14.69 -14.33
N GLU B 42 -15.07 -15.93 -14.70
CA GLU B 42 -13.92 -16.64 -14.09
C GLU B 42 -12.63 -16.12 -14.73
N VAL B 43 -11.70 -15.54 -13.95
CA VAL B 43 -10.48 -14.86 -14.47
C VAL B 43 -9.23 -15.56 -13.93
N VAL B 44 -9.38 -16.72 -13.27
CA VAL B 44 -8.26 -17.56 -12.78
C VAL B 44 -8.33 -18.98 -13.37
N ASP B 45 -7.19 -19.48 -13.86
CA ASP B 45 -7.06 -20.89 -14.31
C ASP B 45 -5.78 -21.46 -13.70
N VAL B 46 -5.92 -22.57 -12.99
CA VAL B 46 -4.81 -23.47 -12.57
C VAL B 46 -4.57 -24.37 -13.78
N VAL B 47 -3.48 -24.14 -14.50
CA VAL B 47 -3.24 -24.73 -15.86
C VAL B 47 -2.43 -26.02 -15.70
N GLY B 48 -1.31 -26.00 -14.98
CA GLY B 48 -0.52 -27.20 -14.67
C GLY B 48 -0.58 -27.47 -13.17
N PRO B 49 0.25 -28.39 -12.65
CA PRO B 49 0.34 -28.60 -11.20
C PRO B 49 0.85 -27.36 -10.41
N ARG B 50 1.52 -26.39 -11.05
CA ARG B 50 2.28 -25.33 -10.31
C ARG B 50 1.91 -23.91 -10.78
N GLU B 51 1.24 -23.79 -11.93
CA GLU B 51 1.02 -22.47 -12.59
C GLU B 51 -0.37 -21.91 -12.24
N VAL B 52 -0.48 -20.62 -12.00
CA VAL B 52 -1.81 -19.98 -12.10
C VAL B 52 -1.70 -18.78 -13.03
N VAL B 53 -2.76 -18.64 -13.83
CA VAL B 53 -2.93 -17.67 -14.96
C VAL B 53 -4.12 -16.74 -14.65
N THR B 54 -3.88 -15.44 -14.75
CA THR B 54 -4.85 -14.35 -14.50
C THR B 54 -5.24 -13.81 -15.87
N ARG B 55 -6.47 -14.12 -16.31
CA ARG B 55 -6.95 -13.95 -17.71
C ARG B 55 -7.36 -12.51 -17.91
N HIS B 56 -7.16 -12.01 -19.13
CA HIS B 56 -8.03 -10.98 -19.76
C HIS B 56 -9.06 -11.75 -20.61
N THR B 57 -10.34 -11.39 -20.47
CA THR B 57 -11.49 -12.13 -21.06
C THR B 57 -11.46 -12.03 -22.60
N LEU B 58 -10.53 -11.25 -23.17
CA LEU B 58 -10.36 -11.07 -24.65
C LEU B 58 -9.20 -11.94 -25.17
N ASP B 59 -8.38 -12.51 -24.27
CA ASP B 59 -7.05 -13.13 -24.57
C ASP B 59 -6.12 -12.05 -25.15
N SER B 60 -5.98 -10.92 -24.43
CA SER B 60 -5.24 -9.69 -24.84
C SER B 60 -3.77 -9.81 -24.43
N LYS B 61 -3.12 -8.70 -24.03
CA LYS B 61 -1.66 -8.65 -23.75
C LYS B 61 -1.40 -8.81 -22.23
N LEU B 62 -2.20 -8.13 -21.37
CA LEU B 62 -1.90 -8.02 -19.91
C LEU B 62 -2.56 -9.17 -19.12
N THR B 63 -2.30 -10.41 -19.53
CA THR B 63 -2.58 -11.65 -18.76
C THR B 63 -1.29 -12.03 -18.00
N LYS B 64 -1.41 -12.30 -16.69
CA LYS B 64 -0.26 -12.55 -15.78
C LYS B 64 -0.18 -14.05 -15.47
N LYS B 65 1.01 -14.56 -15.23
CA LYS B 65 1.27 -16.00 -14.97
C LYS B 65 2.13 -16.11 -13.70
N PHE B 66 1.79 -17.03 -12.80
CA PHE B 66 2.53 -17.28 -11.53
C PHE B 66 2.83 -18.78 -11.41
N THR B 67 4.00 -19.15 -10.86
CA THR B 67 4.36 -20.56 -10.57
C THR B 67 4.52 -20.68 -9.06
N PHE B 68 3.98 -21.73 -8.47
CA PHE B 68 4.06 -22.00 -7.02
C PHE B 68 4.61 -23.40 -6.79
N ASP B 69 4.81 -23.79 -5.54
CA ASP B 69 5.30 -25.16 -5.28
C ASP B 69 4.17 -26.14 -5.65
N ARG B 70 2.92 -25.72 -5.49
CA ARG B 70 1.76 -26.40 -6.10
C ARG B 70 0.54 -25.48 -6.10
N SER B 71 -0.28 -25.62 -7.14
CA SER B 71 -1.51 -24.85 -7.35
C SER B 71 -2.66 -25.85 -7.34
N PHE B 72 -3.68 -25.55 -6.54
CA PHE B 72 -4.88 -26.39 -6.31
C PHE B 72 -6.08 -25.64 -6.84
N GLY B 73 -6.75 -26.25 -7.82
CA GLY B 73 -7.86 -25.61 -8.52
C GLY B 73 -9.17 -25.85 -7.79
N PRO B 74 -10.31 -25.37 -8.35
CA PRO B 74 -11.62 -25.51 -7.72
C PRO B 74 -12.01 -26.91 -7.27
N GLU B 75 -11.52 -27.97 -7.92
CA GLU B 75 -11.95 -29.36 -7.60
C GLU B 75 -11.00 -30.00 -6.59
N SER B 76 -10.07 -29.23 -6.01
CA SER B 76 -9.00 -29.82 -5.17
C SER B 76 -9.60 -30.36 -3.87
N LYS B 77 -9.13 -31.52 -3.42
CA LYS B 77 -9.66 -32.24 -2.25
C LYS B 77 -8.83 -31.89 -1.02
N GLN B 78 -9.46 -31.87 0.16
CA GLN B 78 -8.80 -31.62 1.48
C GLN B 78 -7.63 -32.60 1.69
N CYS B 79 -7.85 -33.88 1.42
CA CYS B 79 -6.81 -34.91 1.65
C CYS B 79 -5.57 -34.65 0.78
N ASP B 80 -5.72 -34.03 -0.40
CA ASP B 80 -4.59 -33.76 -1.33
C ASP B 80 -3.81 -32.52 -0.89
N VAL B 81 -4.51 -31.47 -0.46
CA VAL B 81 -3.87 -30.26 0.12
C VAL B 81 -3.04 -30.69 1.35
N TYR B 82 -3.60 -31.51 2.24
CA TYR B 82 -2.89 -31.97 3.47
C TYR B 82 -1.64 -32.77 3.06
N SER B 83 -1.85 -33.73 2.17
CA SER B 83 -0.84 -34.66 1.64
C SER B 83 0.36 -33.88 1.06
N VAL B 84 0.15 -32.84 0.24
CA VAL B 84 1.34 -32.16 -0.35
C VAL B 84 1.87 -31.06 0.58
N VAL B 85 1.05 -30.35 1.34
CA VAL B 85 1.54 -29.14 2.06
C VAL B 85 2.07 -29.61 3.40
N VAL B 86 1.31 -30.41 4.11
CA VAL B 86 1.52 -30.56 5.58
C VAL B 86 2.13 -31.92 5.92
N SER B 87 1.74 -33.00 5.24
CA SER B 87 2.22 -34.34 5.64
C SER B 87 3.74 -34.39 5.69
N PRO B 88 4.48 -33.74 4.77
CA PRO B 88 5.95 -33.80 4.81
C PRO B 88 6.53 -33.11 6.06
N LEU B 89 5.82 -32.17 6.67
CA LEU B 89 6.34 -31.45 7.87
C LEU B 89 6.29 -32.32 9.13
N ILE B 90 5.44 -33.35 9.19
CA ILE B 90 5.24 -34.12 10.45
C ILE B 90 6.58 -34.76 10.85
N GLU B 91 7.30 -35.39 9.92
CA GLU B 91 8.61 -36.04 10.28
C GLU B 91 9.63 -34.96 10.66
N GLU B 92 9.51 -33.77 10.07
CA GLU B 92 10.35 -32.59 10.45
C GLU B 92 10.05 -32.17 11.90
N VAL B 93 8.77 -32.01 12.29
CA VAL B 93 8.38 -31.70 13.68
C VAL B 93 9.00 -32.75 14.62
N LEU B 94 8.85 -34.01 14.28
CA LEU B 94 9.26 -35.14 15.16
C LEU B 94 10.79 -35.27 15.18
N ASN B 95 11.49 -34.56 14.30
CA ASN B 95 12.96 -34.38 14.39
C ASN B 95 13.40 -33.08 15.11
N GLY B 96 12.46 -32.27 15.63
CA GLY B 96 12.77 -31.08 16.46
C GLY B 96 12.80 -29.80 15.66
N TYR B 97 12.23 -29.80 14.46
CA TYR B 97 12.08 -28.53 13.69
C TYR B 97 10.82 -27.79 14.17
N ASN B 98 10.83 -26.48 14.03
CA ASN B 98 9.68 -25.56 14.23
C ASN B 98 9.10 -25.33 12.86
N CYS B 99 7.87 -25.77 12.64
CA CYS B 99 7.20 -25.68 11.33
C CYS B 99 5.95 -24.79 11.44
N THR B 100 5.76 -23.92 10.46
CA THR B 100 4.59 -23.01 10.44
C THR B 100 3.87 -23.22 9.12
N VAL B 101 2.55 -23.37 9.17
CA VAL B 101 1.68 -23.36 7.97
C VAL B 101 0.68 -22.21 8.19
N PHE B 102 0.61 -21.20 7.32
CA PHE B 102 -0.47 -20.20 7.49
C PHE B 102 -1.24 -20.04 6.20
N ALA B 103 -2.56 -19.90 6.32
CA ALA B 103 -3.51 -19.62 5.21
C ALA B 103 -3.71 -18.10 5.12
N TYR B 104 -3.66 -17.55 3.91
CA TYR B 104 -3.48 -16.11 3.66
C TYR B 104 -4.28 -15.72 2.43
N GLY B 105 -5.13 -14.71 2.51
CA GLY B 105 -6.08 -14.49 1.42
C GLY B 105 -7.21 -13.54 1.77
N GLN B 106 -7.86 -13.05 0.74
CA GLN B 106 -9.08 -12.21 0.85
C GLN B 106 -10.17 -12.91 1.66
N THR B 107 -10.99 -12.14 2.37
CA THR B 107 -12.17 -12.65 3.07
C THR B 107 -12.96 -13.59 2.14
N GLY B 108 -13.38 -14.74 2.64
CA GLY B 108 -14.31 -15.62 1.92
C GLY B 108 -13.67 -16.53 0.87
N THR B 109 -12.34 -16.69 0.86
CA THR B 109 -11.65 -17.43 -0.22
C THR B 109 -11.26 -18.84 0.23
N GLY B 110 -11.43 -19.22 1.49
CA GLY B 110 -11.32 -20.63 1.94
C GLY B 110 -10.19 -20.90 2.91
N LYS B 111 -9.70 -19.91 3.63
CA LYS B 111 -8.62 -20.13 4.62
C LYS B 111 -9.13 -21.11 5.70
N THR B 112 -10.30 -20.86 6.27
CA THR B 112 -10.81 -21.65 7.42
C THR B 112 -11.20 -23.04 6.93
N HIS B 113 -11.85 -23.08 5.79
CA HIS B 113 -12.19 -24.33 5.11
C HIS B 113 -10.93 -25.19 5.03
N THR B 114 -9.84 -24.55 4.62
CA THR B 114 -8.55 -25.26 4.42
C THR B 114 -7.99 -25.70 5.76
N MET B 115 -7.87 -24.77 6.69
CA MET B 115 -7.06 -25.01 7.90
C MET B 115 -7.81 -25.93 8.87
N VAL B 116 -9.15 -25.86 8.91
CA VAL B 116 -9.97 -26.60 9.91
C VAL B 116 -10.97 -27.50 9.19
N GLY B 117 -11.72 -26.97 8.21
CA GLY B 117 -12.62 -27.76 7.35
C GLY B 117 -14.05 -27.81 7.85
N ASN B 118 -14.86 -28.67 7.22
CA ASN B 118 -16.30 -28.83 7.58
C ASN B 118 -16.43 -29.83 8.75
N GLU B 119 -16.77 -31.10 8.52
CA GLU B 119 -17.30 -32.05 9.56
C GLU B 119 -16.57 -31.88 10.90
N THR B 120 -16.91 -32.69 11.90
CA THR B 120 -16.06 -32.93 13.11
C THR B 120 -15.27 -34.24 12.91
N ALA B 121 -14.05 -34.29 13.44
CA ALA B 121 -13.11 -35.43 13.37
C ALA B 121 -13.63 -36.59 14.23
N GLU B 122 -13.70 -37.80 13.68
CA GLU B 122 -13.99 -39.04 14.46
C GLU B 122 -12.67 -39.65 14.91
N LEU B 123 -12.71 -40.41 16.00
CA LEU B 123 -11.53 -40.97 16.71
C LEU B 123 -10.85 -42.06 15.87
N LYS B 124 -11.56 -42.67 14.91
CA LYS B 124 -11.04 -43.72 13.98
C LYS B 124 -10.47 -43.09 12.70
N SER B 125 -10.55 -41.77 12.54
CA SER B 125 -10.32 -41.01 11.27
C SER B 125 -8.81 -40.81 10.99
N SER B 126 -8.34 -41.38 9.88
CA SER B 126 -6.95 -41.28 9.34
C SER B 126 -6.75 -39.95 8.57
N TRP B 127 -5.52 -39.42 8.57
CA TRP B 127 -5.14 -38.18 7.82
C TRP B 127 -5.36 -38.36 6.31
N GLU B 128 -5.54 -39.59 5.84
CA GLU B 128 -5.59 -39.92 4.38
C GLU B 128 -7.04 -39.94 3.85
N ASP B 129 -8.05 -39.95 4.74
CA ASP B 129 -9.50 -40.03 4.39
C ASP B 129 -9.92 -38.88 3.46
N ASP B 130 -10.57 -39.21 2.34
CA ASP B 130 -11.17 -38.24 1.38
C ASP B 130 -12.45 -37.68 2.00
N SER B 131 -12.34 -36.66 2.83
CA SER B 131 -13.46 -36.04 3.59
CA SER B 131 -13.47 -36.04 3.58
C SER B 131 -13.37 -34.51 3.50
N ASP B 132 -14.29 -33.83 4.16
CA ASP B 132 -14.35 -32.36 4.23
C ASP B 132 -13.47 -31.88 5.40
N ILE B 133 -12.86 -32.77 6.19
CA ILE B 133 -11.98 -32.36 7.34
C ILE B 133 -10.74 -31.64 6.78
N GLY B 134 -10.32 -30.53 7.39
CA GLY B 134 -9.16 -29.72 6.96
C GLY B 134 -7.85 -30.09 7.65
N ILE B 135 -6.88 -29.18 7.65
CA ILE B 135 -5.47 -29.51 7.96
C ILE B 135 -5.30 -29.87 9.44
N ILE B 136 -5.95 -29.16 10.35
CA ILE B 136 -5.54 -29.23 11.77
C ILE B 136 -5.86 -30.60 12.31
N PRO B 137 -7.11 -31.12 12.16
CA PRO B 137 -7.43 -32.46 12.64
C PRO B 137 -6.60 -33.54 11.94
N ARG B 138 -6.25 -33.35 10.66
CA ARG B 138 -5.42 -34.35 9.95
C ARG B 138 -4.02 -34.35 10.59
N ALA B 139 -3.46 -33.15 10.80
CA ALA B 139 -2.11 -32.99 11.43
C ALA B 139 -2.06 -33.67 12.79
N LEU B 140 -3.10 -33.49 13.62
CA LEU B 140 -3.13 -34.07 15.00
C LEU B 140 -3.20 -35.59 14.90
N SER B 141 -4.08 -36.10 14.06
CA SER B 141 -4.24 -37.56 13.85
C SER B 141 -2.89 -38.16 13.41
N HIS B 142 -2.19 -37.52 12.51
CA HIS B 142 -0.94 -38.01 11.89
C HIS B 142 0.19 -37.98 12.93
N LEU B 143 0.27 -36.87 13.68
CA LEU B 143 1.28 -36.77 14.75
C LEU B 143 1.10 -37.90 15.75
N PHE B 144 -0.11 -38.17 16.26
CA PHE B 144 -0.28 -39.29 17.23
C PHE B 144 0.08 -40.62 16.60
N ASP B 145 -0.36 -40.93 15.36
CA ASP B 145 -0.04 -42.21 14.70
C ASP B 145 1.48 -42.35 14.56
N GLU B 146 2.18 -41.28 14.13
CA GLU B 146 3.64 -41.34 13.92
C GLU B 146 4.31 -41.51 15.29
N LEU B 147 3.87 -40.82 16.34
CA LEU B 147 4.50 -40.98 17.69
C LEU B 147 4.26 -42.40 18.22
N ARG B 148 3.08 -42.97 18.03
CA ARG B 148 2.73 -44.37 18.40
C ARG B 148 3.69 -45.35 17.67
N MET B 149 3.84 -45.24 16.36
CA MET B 149 4.70 -46.18 15.59
C MET B 149 6.15 -46.01 16.09
N MET B 150 6.59 -44.80 16.47
CA MET B 150 8.00 -44.53 16.87
C MET B 150 8.29 -45.15 18.24
N GLU B 151 7.26 -45.48 19.03
CA GLU B 151 7.37 -46.12 20.36
C GLU B 151 8.35 -45.30 21.21
N VAL B 152 8.25 -43.99 21.16
CA VAL B 152 9.21 -43.11 21.88
C VAL B 152 8.45 -42.54 23.06
N GLU B 153 9.18 -42.10 24.07
CA GLU B 153 8.69 -41.30 25.19
C GLU B 153 8.44 -39.89 24.66
N TYR B 154 7.27 -39.36 24.91
CA TYR B 154 6.95 -37.98 24.46
C TYR B 154 5.92 -37.36 25.38
N THR B 155 5.91 -36.04 25.35
CA THR B 155 4.82 -35.22 25.90
C THR B 155 4.41 -34.23 24.81
N MET B 156 3.14 -33.81 24.85
CA MET B 156 2.54 -32.89 23.84
C MET B 156 1.75 -31.81 24.58
N ARG B 157 1.90 -30.57 24.11
CA ARG B 157 1.16 -29.41 24.65
C ARG B 157 0.53 -28.65 23.51
N ILE B 158 -0.71 -28.20 23.72
CA ILE B 158 -1.50 -27.44 22.76
C ILE B 158 -1.69 -26.01 23.27
N SER B 159 -1.61 -25.03 22.36
CA SER B 159 -1.97 -23.62 22.63
C SER B 159 -2.84 -23.16 21.47
N TYR B 160 -3.78 -22.27 21.75
CA TYR B 160 -4.76 -21.82 20.73
C TYR B 160 -5.01 -20.35 21.01
N LEU B 161 -4.33 -19.52 20.24
CA LEU B 161 -4.16 -18.08 20.52
C LEU B 161 -4.97 -17.30 19.46
N GLU B 162 -5.63 -16.24 19.90
CA GLU B 162 -6.44 -15.33 19.06
C GLU B 162 -5.86 -13.92 19.12
N LEU B 163 -5.78 -13.28 17.97
CA LEU B 163 -5.44 -11.85 17.86
C LEU B 163 -6.71 -11.20 17.34
N TYR B 164 -7.39 -10.42 18.19
CA TYR B 164 -8.70 -9.77 17.90
C TYR B 164 -8.56 -8.30 18.26
N ASN B 165 -8.78 -7.44 17.26
CA ASN B 165 -8.76 -5.96 17.42
C ASN B 165 -7.47 -5.57 18.14
N GLU B 166 -6.35 -6.17 17.72
CA GLU B 166 -4.95 -5.91 18.15
C GLU B 166 -4.80 -6.26 19.64
N GLU B 167 -5.67 -7.13 20.18
CA GLU B 167 -5.51 -7.69 21.56
C GLU B 167 -5.38 -9.22 21.47
N LEU B 168 -4.52 -9.80 22.31
CA LEU B 168 -4.37 -11.27 22.42
C LEU B 168 -5.47 -11.86 23.32
N CYS B 169 -5.93 -13.05 22.95
CA CYS B 169 -6.95 -13.82 23.69
C CYS B 169 -6.50 -15.29 23.66
N ASP B 170 -6.53 -15.96 24.81
CA ASP B 170 -6.31 -17.43 24.87
C ASP B 170 -7.65 -18.12 24.65
N LEU B 171 -7.85 -18.82 23.52
CA LEU B 171 -9.14 -19.54 23.25
C LEU B 171 -9.25 -20.77 24.15
N LEU B 172 -8.18 -21.17 24.85
CA LEU B 172 -8.24 -22.32 25.80
C LEU B 172 -8.10 -21.79 27.24
N SER B 173 -8.37 -20.51 27.45
CA SER B 173 -8.37 -19.90 28.80
C SER B 173 -9.25 -20.71 29.76
N THR B 174 -8.77 -20.86 31.00
CA THR B 174 -9.45 -21.44 32.18
C THR B 174 -9.68 -20.33 33.22
N ASP B 175 -9.63 -19.05 32.81
CA ASP B 175 -9.85 -17.87 33.70
C ASP B 175 -9.77 -16.57 32.91
N ASP B 176 -10.89 -15.85 32.84
CA ASP B 176 -11.04 -14.49 32.29
C ASP B 176 -10.08 -13.49 32.96
N THR B 177 -9.57 -13.79 34.17
CA THR B 177 -8.58 -12.94 34.91
C THR B 177 -7.25 -12.86 34.15
N THR B 178 -6.85 -13.98 33.53
CA THR B 178 -5.46 -14.19 33.04
C THR B 178 -5.26 -13.37 31.76
N LYS B 179 -4.31 -12.43 31.77
CA LYS B 179 -4.03 -11.49 30.65
C LYS B 179 -2.89 -12.04 29.79
N ILE B 180 -2.95 -11.81 28.49
CA ILE B 180 -1.99 -12.32 27.46
C ILE B 180 -1.13 -11.16 26.98
N ARG B 181 0.18 -11.20 27.22
CA ARG B 181 1.16 -10.18 26.74
C ARG B 181 2.19 -10.84 25.82
N ILE B 182 2.67 -10.13 24.79
CA ILE B 182 3.92 -10.48 24.04
C ILE B 182 5.14 -9.80 24.68
N PHE B 183 6.21 -10.55 24.93
CA PHE B 183 7.59 -10.05 25.16
C PHE B 183 8.54 -10.80 24.23
N ASP B 184 9.85 -10.53 24.27
CA ASP B 184 10.88 -11.06 23.33
C ASP B 184 11.86 -11.98 24.07
N ASP B 185 11.84 -13.30 23.83
CA ASP B 185 12.77 -14.25 24.52
C ASP B 185 14.20 -13.96 24.05
N SER B 186 14.62 -12.68 24.11
CA SER B 186 15.86 -12.15 23.48
C SER B 186 17.03 -13.10 23.75
N THR B 187 17.07 -14.18 22.97
CA THR B 187 18.01 -15.33 22.99
C THR B 187 17.88 -15.98 21.60
N LYS B 188 16.63 -16.15 21.15
CA LYS B 188 16.26 -16.38 19.73
C LYS B 188 15.58 -15.10 19.21
N LYS B 189 16.36 -14.02 19.22
CA LYS B 189 16.11 -12.69 18.59
C LYS B 189 14.67 -12.55 18.05
N GLY B 190 14.36 -13.16 16.90
CA GLY B 190 13.07 -12.97 16.19
C GLY B 190 11.91 -13.72 16.81
N SER B 191 12.09 -14.33 17.98
CA SER B 191 11.02 -15.06 18.71
C SER B 191 10.38 -14.13 19.74
N VAL B 192 9.20 -14.50 20.19
CA VAL B 192 8.45 -13.79 21.25
C VAL B 192 8.05 -14.80 22.31
N ILE B 193 7.79 -14.34 23.53
CA ILE B 193 7.12 -15.12 24.61
C ILE B 193 5.73 -14.54 24.75
N ILE B 194 4.72 -15.42 24.87
CA ILE B 194 3.33 -15.03 25.19
C ILE B 194 3.07 -15.45 26.64
N GLN B 195 3.19 -14.54 27.60
CA GLN B 195 2.94 -14.90 29.01
C GLN B 195 1.43 -15.09 29.17
N GLY B 196 1.02 -15.99 30.05
CA GLY B 196 -0.40 -16.20 30.35
C GLY B 196 -1.05 -17.24 29.45
N LEU B 197 -0.44 -17.55 28.31
CA LEU B 197 -1.08 -18.45 27.31
C LEU B 197 -1.01 -19.89 27.82
N GLU B 198 -2.14 -20.57 27.89
CA GLU B 198 -2.25 -21.96 28.35
C GLU B 198 -1.47 -22.81 27.33
N GLU B 199 -0.66 -23.72 27.87
CA GLU B 199 0.04 -24.75 27.08
C GLU B 199 -0.45 -26.09 27.63
N ILE B 200 -1.51 -26.63 27.05
CA ILE B 200 -2.32 -27.71 27.70
C ILE B 200 -1.73 -29.06 27.35
N PRO B 201 -1.36 -29.87 28.37
CA PRO B 201 -0.92 -31.24 28.16
C PRO B 201 -2.03 -32.10 27.59
N VAL B 202 -1.73 -32.86 26.56
CA VAL B 202 -2.70 -33.77 25.89
C VAL B 202 -2.08 -35.17 25.76
N HIS B 203 -2.90 -36.22 25.83
CA HIS B 203 -2.42 -37.63 25.90
C HIS B 203 -3.14 -38.52 24.91
N SER B 204 -3.97 -37.97 24.03
CA SER B 204 -4.80 -38.75 23.09
C SER B 204 -5.29 -37.84 21.97
N LYS B 205 -5.70 -38.44 20.85
CA LYS B 205 -6.37 -37.68 19.76
C LYS B 205 -7.66 -37.06 20.32
N ASP B 206 -8.36 -37.76 21.21
CA ASP B 206 -9.65 -37.28 21.75
C ASP B 206 -9.40 -35.98 22.53
N ASP B 207 -8.33 -35.93 23.32
CA ASP B 207 -7.96 -34.73 24.11
C ASP B 207 -7.80 -33.53 23.17
N VAL B 208 -7.05 -33.71 22.07
CA VAL B 208 -6.73 -32.58 21.14
C VAL B 208 -7.99 -32.18 20.37
N TYR B 209 -8.86 -33.11 20.04
CA TYR B 209 -10.07 -32.71 19.28
C TYR B 209 -11.02 -31.95 20.19
N LYS B 210 -11.10 -32.34 21.45
CA LYS B 210 -11.87 -31.59 22.45
C LYS B 210 -11.34 -30.17 22.51
N LEU B 211 -10.02 -29.95 22.58
CA LEU B 211 -9.49 -28.58 22.72
C LEU B 211 -9.77 -27.77 21.44
N LEU B 212 -9.55 -28.39 20.28
CA LEU B 212 -9.85 -27.77 18.97
C LEU B 212 -11.31 -27.32 18.97
N GLU B 213 -12.22 -28.19 19.39
CA GLU B 213 -13.66 -27.84 19.36
C GLU B 213 -13.94 -26.69 20.35
N LYS B 214 -13.35 -26.72 21.54
CA LYS B 214 -13.55 -25.68 22.58
C LYS B 214 -13.09 -24.32 22.03
N GLY B 215 -11.90 -24.27 21.44
CA GLY B 215 -11.36 -23.02 20.89
C GLY B 215 -12.15 -22.56 19.67
N LYS B 216 -12.57 -23.48 18.83
CA LYS B 216 -13.32 -23.16 17.60
C LYS B 216 -14.60 -22.44 18.03
N GLU B 217 -15.21 -22.89 19.11
CA GLU B 217 -16.51 -22.29 19.55
C GLU B 217 -16.28 -20.88 20.07
N ARG B 218 -15.10 -20.57 20.60
CA ARG B 218 -14.80 -19.26 21.23
C ARG B 218 -14.26 -18.24 20.20
N ARG B 219 -13.85 -18.69 19.02
CA ARG B 219 -13.28 -17.81 17.98
C ARG B 219 -14.22 -16.67 17.63
N LYS B 220 -13.67 -15.47 17.42
CA LYS B 220 -14.48 -14.30 17.01
C LYS B 220 -14.90 -14.53 15.56
N THR B 221 -16.19 -14.69 15.30
CA THR B 221 -16.72 -14.96 13.94
C THR B 221 -17.89 -14.00 13.66
N ALA B 222 -18.28 -13.89 12.40
CA ALA B 222 -19.47 -13.12 11.92
C ALA B 222 -20.14 -13.91 10.81
N THR B 223 -21.46 -13.85 10.72
CA THR B 223 -22.27 -14.50 9.67
C THR B 223 -22.29 -13.52 8.49
N THR B 224 -21.62 -13.84 7.37
CA THR B 224 -21.62 -12.95 6.19
C THR B 224 -22.19 -13.77 5.04
N LEU B 225 -23.08 -13.21 4.23
CA LEU B 225 -23.59 -13.87 3.01
C LEU B 225 -22.37 -14.55 2.39
N MET B 226 -22.37 -15.88 2.28
CA MET B 226 -21.35 -16.61 1.47
C MET B 226 -20.06 -16.78 2.28
N ASN B 227 -20.14 -16.43 3.55
CA ASN B 227 -18.95 -16.50 4.42
C ASN B 227 -19.55 -16.53 5.82
N ALA B 228 -20.21 -17.68 6.08
CA ALA B 228 -21.21 -17.86 7.15
C ALA B 228 -20.50 -17.85 8.49
N GLN B 229 -19.23 -18.29 8.52
CA GLN B 229 -18.43 -18.15 9.76
C GLN B 229 -17.13 -17.42 9.42
N SER B 230 -17.28 -16.18 8.91
CA SER B 230 -16.15 -15.27 8.61
C SER B 230 -15.29 -15.16 9.86
N SER B 231 -13.97 -15.36 9.73
CA SER B 231 -13.03 -15.20 10.86
C SER B 231 -12.75 -13.71 11.05
N ARG B 232 -13.05 -13.17 12.21
CA ARG B 232 -12.83 -11.74 12.53
C ARG B 232 -11.57 -11.56 13.37
N SER B 233 -10.82 -12.65 13.57
CA SER B 233 -9.58 -12.68 14.36
C SER B 233 -8.56 -13.51 13.57
N HIS B 234 -7.29 -13.33 13.89
CA HIS B 234 -6.24 -14.26 13.42
C HIS B 234 -6.14 -15.33 14.50
N THR B 235 -5.93 -16.59 14.14
CA THR B 235 -5.80 -17.66 15.16
C THR B 235 -4.57 -18.54 14.82
N VAL B 236 -3.91 -18.96 15.87
CA VAL B 236 -2.68 -19.78 15.83
C VAL B 236 -2.98 -20.96 16.77
N PHE B 237 -3.07 -22.14 16.18
CA PHE B 237 -3.08 -23.43 16.89
C PHE B 237 -1.67 -24.03 16.88
N SER B 238 -1.07 -24.17 18.05
CA SER B 238 0.36 -24.55 18.23
C SER B 238 0.41 -25.90 18.90
N ILE B 239 1.09 -26.86 18.27
CA ILE B 239 1.37 -28.20 18.84
C ILE B 239 2.86 -28.24 19.14
N VAL B 240 3.21 -28.47 20.38
CA VAL B 240 4.64 -28.63 20.77
C VAL B 240 4.84 -30.03 21.36
N VAL B 241 5.85 -30.72 20.88
CA VAL B 241 6.15 -32.11 21.25
C VAL B 241 7.58 -32.16 21.78
N HIS B 242 7.73 -32.69 22.98
CA HIS B 242 9.04 -33.06 23.56
C HIS B 242 9.17 -34.58 23.39
N ILE B 243 10.27 -35.02 22.78
CA ILE B 243 10.46 -36.42 22.36
C ILE B 243 11.77 -36.83 22.97
N ARG B 244 11.79 -37.85 23.79
CA ARG B 244 13.07 -38.28 24.42
C ARG B 244 13.43 -39.62 23.79
N GLU B 245 14.67 -39.74 23.27
CA GLU B 245 15.22 -41.03 22.77
C GLU B 245 16.37 -41.39 23.69
N ASN B 246 16.30 -42.55 24.33
CA ASN B 246 17.43 -43.04 25.16
C ASN B 246 17.67 -44.51 24.80
N GLY B 247 18.43 -45.23 25.61
CA GLY B 247 18.86 -46.60 25.24
C GLY B 247 20.33 -46.68 24.90
N ILE B 248 20.89 -45.75 24.09
CA ILE B 248 22.36 -45.75 23.80
C ILE B 248 23.09 -44.86 24.81
N GLU B 249 24.09 -45.42 25.51
CA GLU B 249 24.89 -44.67 26.51
C GLU B 249 25.49 -43.47 25.79
N GLY B 250 25.37 -42.28 26.42
CA GLY B 250 25.90 -41.03 25.83
C GLY B 250 24.90 -40.39 24.87
N GLU B 251 23.76 -41.04 24.63
CA GLU B 251 22.78 -40.49 23.68
C GLU B 251 21.42 -40.27 24.38
N ASP B 252 21.43 -39.61 25.53
CA ASP B 252 20.12 -39.32 26.23
C ASP B 252 19.50 -38.05 25.63
N MET B 253 18.79 -38.14 24.50
CA MET B 253 18.51 -36.97 23.63
C MET B 253 17.04 -36.51 23.80
N LEU B 254 16.83 -35.21 23.88
CA LEU B 254 15.48 -34.60 23.95
C LEU B 254 15.36 -33.74 22.72
N LYS B 255 14.33 -33.95 21.90
CA LYS B 255 14.04 -33.04 20.77
C LYS B 255 12.69 -32.35 21.04
N ILE B 256 12.61 -31.07 20.69
CA ILE B 256 11.37 -30.28 20.81
C ILE B 256 10.97 -29.82 19.41
N GLY B 257 9.80 -30.30 18.94
CA GLY B 257 9.24 -29.93 17.64
C GLY B 257 8.00 -29.10 17.84
N LYS B 258 7.71 -28.24 16.88
CA LYS B 258 6.53 -27.36 17.00
C LYS B 258 5.86 -27.31 15.64
N LEU B 259 4.53 -27.37 15.64
CA LEU B 259 3.76 -27.21 14.39
C LEU B 259 2.76 -26.10 14.68
N ASN B 260 2.91 -24.95 14.02
CA ASN B 260 2.01 -23.78 14.17
C ASN B 260 1.12 -23.73 12.96
N LEU B 261 -0.18 -23.85 13.17
CA LEU B 261 -1.16 -23.94 12.10
C LEU B 261 -2.00 -22.67 12.24
N VAL B 262 -1.79 -21.74 11.31
CA VAL B 262 -2.28 -20.34 11.42
C VAL B 262 -3.38 -20.09 10.40
N ASP B 263 -4.53 -19.60 10.90
CA ASP B 263 -5.68 -19.24 10.06
C ASP B 263 -5.87 -17.72 10.17
N LEU B 264 -5.44 -16.97 9.17
CA LEU B 264 -5.53 -15.50 9.19
C LEU B 264 -6.96 -15.07 8.87
N ALA B 265 -7.42 -13.97 9.49
CA ALA B 265 -8.58 -13.21 8.98
C ALA B 265 -8.26 -12.66 7.59
N GLY B 266 -9.29 -12.50 6.74
CA GLY B 266 -9.11 -12.12 5.33
C GLY B 266 -9.15 -10.63 5.12
N SER B 267 -8.35 -10.16 4.16
CA SER B 267 -8.39 -8.76 3.68
C SER B 267 -9.73 -8.50 2.98
N GLU B 268 -10.20 -7.24 3.00
CA GLU B 268 -11.50 -6.86 2.38
C GLU B 268 -11.31 -5.52 1.66
N ASN B 269 -11.77 -5.43 0.41
CA ASN B 269 -11.91 -4.18 -0.40
C ASN B 269 -12.68 -3.09 0.38
N VAL B 270 -14.02 -3.03 0.34
CA VAL B 270 -14.82 -1.87 0.88
C VAL B 270 -16.31 -2.23 0.86
N LYS B 277 -21.60 1.07 10.04
CA LYS B 277 -21.20 1.47 11.41
C LYS B 277 -21.09 0.22 12.32
N GLY B 278 -20.17 0.24 13.27
CA GLY B 278 -20.19 -0.66 14.42
C GLY B 278 -18.98 -1.58 14.45
N ILE B 279 -19.08 -2.63 15.24
CA ILE B 279 -17.95 -3.54 15.52
C ILE B 279 -17.34 -4.08 14.23
N ARG B 280 -18.10 -4.32 13.16
CA ARG B 280 -17.61 -4.92 11.91
CA ARG B 280 -17.57 -4.94 11.93
C ARG B 280 -16.51 -4.03 11.33
N VAL B 281 -16.71 -2.70 11.37
CA VAL B 281 -15.79 -1.79 10.67
C VAL B 281 -14.50 -1.70 11.49
N ARG B 282 -14.57 -1.67 12.83
CA ARG B 282 -13.37 -1.77 13.71
C ARG B 282 -12.55 -3.01 13.31
N GLU B 283 -13.25 -4.14 13.12
CA GLU B 283 -12.63 -5.44 12.76
C GLU B 283 -11.95 -5.26 11.41
N THR B 284 -12.68 -4.77 10.39
CA THR B 284 -12.13 -4.61 9.01
C THR B 284 -10.88 -3.70 9.04
N VAL B 285 -10.91 -2.59 9.75
CA VAL B 285 -9.73 -1.69 9.85
C VAL B 285 -8.54 -2.47 10.46
N ASN B 286 -8.70 -3.08 11.64
CA ASN B 286 -7.62 -3.82 12.34
C ASN B 286 -7.10 -4.96 11.47
N ILE B 287 -7.99 -5.64 10.80
CA ILE B 287 -7.58 -6.81 9.99
C ILE B 287 -6.71 -6.30 8.83
N ASN B 288 -7.24 -5.34 8.08
CA ASN B 288 -6.55 -4.79 6.89
C ASN B 288 -5.20 -4.20 7.28
N GLN B 289 -5.12 -3.47 8.40
CA GLN B 289 -3.87 -2.87 8.92
C GLN B 289 -2.81 -3.97 9.20
N SER B 290 -3.19 -5.00 9.96
CA SER B 290 -2.31 -6.14 10.32
C SER B 290 -1.79 -6.82 9.05
N LEU B 291 -2.68 -7.14 8.10
CA LEU B 291 -2.32 -7.80 6.84
C LEU B 291 -1.42 -6.90 5.96
N LEU B 292 -1.66 -5.61 5.92
CA LEU B 292 -0.75 -4.65 5.24
C LEU B 292 0.65 -4.78 5.84
N THR B 293 0.75 -4.73 7.17
CA THR B 293 2.03 -4.87 7.90
C THR B 293 2.68 -6.18 7.42
N LEU B 294 1.95 -7.30 7.37
CA LEU B 294 2.50 -8.61 6.89
C LEU B 294 3.03 -8.46 5.46
N GLY B 295 2.27 -7.83 4.54
CA GLY B 295 2.68 -7.63 3.15
C GLY B 295 3.96 -6.79 3.02
N ARG B 296 4.05 -5.70 3.79
CA ARG B 296 5.26 -4.83 3.81
C ARG B 296 6.45 -5.63 4.38
N VAL B 297 6.19 -6.55 5.31
CA VAL B 297 7.26 -7.34 5.97
C VAL B 297 7.80 -8.29 4.91
N ILE B 298 6.89 -8.94 4.22
CA ILE B 298 7.30 -9.92 3.19
C ILE B 298 8.15 -9.16 2.17
N THR B 299 7.66 -7.99 1.77
CA THR B 299 8.28 -7.29 0.63
C THR B 299 9.66 -6.83 1.09
N ALA B 300 9.73 -6.21 2.27
CA ALA B 300 11.03 -5.76 2.84
C ALA B 300 12.03 -6.92 2.83
N LEU B 301 11.59 -8.17 3.13
CA LEU B 301 12.48 -9.35 3.24
C LEU B 301 13.01 -9.73 1.85
N VAL B 302 12.15 -9.84 0.85
CA VAL B 302 12.61 -10.22 -0.52
C VAL B 302 13.50 -9.11 -1.13
N ASP B 303 13.29 -7.84 -0.77
CA ASP B 303 14.08 -6.71 -1.35
C ASP B 303 15.42 -6.57 -0.63
N ARG B 304 15.59 -7.32 0.47
CA ARG B 304 16.81 -7.31 1.31
C ARG B 304 16.97 -5.90 1.90
N ALA B 305 15.88 -5.30 2.36
CA ALA B 305 15.88 -3.94 2.95
C ALA B 305 16.40 -3.97 4.39
N PRO B 306 17.11 -2.91 4.84
CA PRO B 306 17.72 -2.85 6.18
C PRO B 306 16.74 -2.91 7.36
N HIS B 307 15.54 -2.34 7.18
CA HIS B 307 14.42 -2.40 8.13
C HIS B 307 13.28 -3.16 7.48
N VAL B 308 12.85 -4.27 8.11
CA VAL B 308 11.55 -4.94 7.84
C VAL B 308 10.68 -4.74 9.09
N PRO B 309 9.48 -4.15 8.92
CA PRO B 309 8.71 -3.58 10.03
C PRO B 309 7.88 -4.59 10.81
N TYR B 310 8.53 -5.64 11.33
CA TYR B 310 7.86 -6.70 12.12
C TYR B 310 7.07 -6.03 13.26
N ARG B 311 7.70 -5.02 13.87
CA ARG B 311 7.26 -4.52 15.19
C ARG B 311 6.01 -3.66 15.02
N GLU B 312 5.52 -3.46 13.80
CA GLU B 312 4.43 -2.48 13.55
C GLU B 312 3.04 -3.12 13.70
N SER B 313 2.96 -4.44 13.92
CA SER B 313 1.70 -5.16 14.31
C SER B 313 2.05 -6.36 15.17
N LYS B 314 1.10 -6.76 16.02
CA LYS B 314 1.25 -7.96 16.87
C LYS B 314 1.31 -9.17 15.97
N LEU B 315 0.64 -9.09 14.82
CA LEU B 315 0.61 -10.24 13.91
C LEU B 315 2.03 -10.55 13.44
N THR B 316 2.74 -9.52 13.00
CA THR B 316 4.08 -9.70 12.42
C THR B 316 5.04 -9.95 13.58
N ARG B 317 4.70 -9.54 14.79
CA ARG B 317 5.53 -9.89 15.97
C ARG B 317 5.44 -11.42 16.14
N LEU B 318 4.25 -11.99 16.01
CA LEU B 318 3.95 -13.45 16.13
C LEU B 318 4.61 -14.19 14.97
N LEU B 319 4.52 -13.65 13.76
CA LEU B 319 5.03 -14.37 12.59
C LEU B 319 6.51 -14.11 12.34
N GLN B 320 7.16 -13.22 13.10
CA GLN B 320 8.57 -12.86 12.83
C GLN B 320 9.43 -14.12 12.64
N GLU B 321 9.31 -15.04 13.58
CA GLU B 321 10.15 -16.27 13.64
C GLU B 321 9.97 -17.07 12.34
N SER B 322 8.77 -17.02 11.73
CA SER B 322 8.39 -17.84 10.55
C SER B 322 8.76 -17.17 9.23
N LEU B 323 9.26 -15.92 9.23
CA LEU B 323 9.48 -15.11 8.02
C LEU B 323 10.95 -14.71 7.95
N GLY B 324 11.75 -15.58 7.34
CA GLY B 324 13.20 -15.41 7.17
C GLY B 324 13.97 -15.81 8.42
N GLY B 325 13.36 -16.65 9.27
CA GLY B 325 13.85 -16.99 10.62
C GLY B 325 14.19 -18.47 10.73
N ARG B 326 14.01 -19.01 11.92
CA ARG B 326 14.49 -20.37 12.26
C ARG B 326 13.41 -21.44 12.06
N THR B 327 12.46 -21.26 11.18
CA THR B 327 11.35 -22.23 11.00
C THR B 327 11.32 -22.72 9.57
N LYS B 328 10.68 -23.86 9.36
CA LYS B 328 10.17 -24.31 8.06
C LYS B 328 8.81 -23.65 7.90
N THR B 329 8.57 -22.93 6.81
CA THR B 329 7.27 -22.21 6.69
C THR B 329 6.66 -22.59 5.36
N SER B 330 5.36 -22.87 5.40
CA SER B 330 4.53 -23.12 4.20
C SER B 330 3.33 -22.16 4.24
N ILE B 331 3.06 -21.57 3.11
CA ILE B 331 1.95 -20.58 2.99
C ILE B 331 0.96 -21.22 2.04
N ILE B 332 -0.33 -21.15 2.40
CA ILE B 332 -1.39 -21.53 1.46
C ILE B 332 -2.12 -20.23 1.18
N ALA B 333 -1.93 -19.69 -0.01
CA ALA B 333 -2.54 -18.42 -0.42
C ALA B 333 -3.88 -18.82 -1.04
N THR B 334 -5.00 -18.30 -0.54
CA THR B 334 -6.35 -18.65 -1.04
C THR B 334 -6.88 -17.48 -1.85
N ILE B 335 -7.48 -17.78 -2.98
CA ILE B 335 -7.93 -16.72 -3.91
C ILE B 335 -9.29 -17.11 -4.51
N SER B 336 -10.02 -16.07 -4.91
CA SER B 336 -11.30 -16.20 -5.65
C SER B 336 -10.99 -16.25 -7.14
N PRO B 337 -11.78 -17.01 -7.94
CA PRO B 337 -11.69 -17.02 -9.39
C PRO B 337 -12.45 -15.86 -10.08
N GLY B 338 -13.25 -15.10 -9.32
CA GLY B 338 -14.19 -14.09 -9.87
C GLY B 338 -13.54 -12.75 -10.18
N HIS B 339 -14.01 -12.12 -11.28
CA HIS B 339 -13.45 -10.86 -11.81
C HIS B 339 -13.64 -9.76 -10.77
N LYS B 340 -14.65 -9.84 -9.90
CA LYS B 340 -14.98 -8.70 -9.02
C LYS B 340 -13.86 -8.57 -7.99
N ASP B 341 -13.11 -9.65 -7.81
CA ASP B 341 -12.08 -9.79 -6.76
C ASP B 341 -10.67 -9.74 -7.37
N ILE B 342 -10.56 -9.40 -8.65
CA ILE B 342 -9.26 -9.57 -9.36
C ILE B 342 -8.18 -8.74 -8.64
N GLU B 343 -8.48 -7.51 -8.25
CA GLU B 343 -7.48 -6.64 -7.56
C GLU B 343 -7.03 -7.30 -6.24
N GLU B 344 -7.96 -7.78 -5.40
CA GLU B 344 -7.58 -8.51 -4.15
C GLU B 344 -6.84 -9.80 -4.52
N THR B 345 -7.27 -10.53 -5.55
CA THR B 345 -6.56 -11.77 -5.96
C THR B 345 -5.11 -11.47 -6.39
N LEU B 346 -4.90 -10.41 -7.17
CA LEU B 346 -3.55 -10.16 -7.71
C LEU B 346 -2.69 -9.67 -6.56
N SER B 347 -3.29 -9.00 -5.58
CA SER B 347 -2.56 -8.58 -4.35
C SER B 347 -2.01 -9.83 -3.63
N THR B 348 -2.89 -10.78 -3.38
CA THR B 348 -2.59 -12.06 -2.68
C THR B 348 -1.47 -12.80 -3.45
N LEU B 349 -1.62 -12.95 -4.75
CA LEU B 349 -0.59 -13.62 -5.60
C LEU B 349 0.73 -12.87 -5.58
N GLU B 350 0.72 -11.56 -5.78
CA GLU B 350 2.00 -10.83 -5.83
C GLU B 350 2.70 -11.02 -4.49
N TYR B 351 1.99 -10.99 -3.36
CA TYR B 351 2.64 -11.20 -2.03
C TYR B 351 3.15 -12.64 -1.89
N ALA B 352 2.39 -13.64 -2.35
CA ALA B 352 2.74 -15.07 -2.25
C ALA B 352 3.94 -15.35 -3.15
N HIS B 353 3.93 -14.79 -4.35
CA HIS B 353 5.03 -14.89 -5.33
C HIS B 353 6.26 -14.26 -4.71
N ARG B 354 6.16 -13.12 -4.02
CA ARG B 354 7.32 -12.52 -3.31
C ARG B 354 7.78 -13.54 -2.26
N ALA B 355 6.87 -14.00 -1.40
CA ALA B 355 7.22 -14.81 -0.21
C ALA B 355 8.02 -16.06 -0.58
N LYS B 356 7.76 -16.67 -1.74
CA LYS B 356 8.45 -17.93 -2.12
C LYS B 356 9.95 -17.64 -2.29
N ASN B 357 10.34 -16.36 -2.36
CA ASN B 357 11.75 -15.96 -2.49
C ASN B 357 12.32 -15.58 -1.11
N ILE B 358 11.59 -15.81 0.00
CA ILE B 358 12.14 -15.64 1.38
C ILE B 358 12.90 -16.91 1.78
N GLN B 359 14.14 -16.78 2.25
CA GLN B 359 14.97 -17.96 2.59
C GLN B 359 15.04 -18.05 4.11
N ASN B 360 14.53 -19.15 4.69
CA ASN B 360 14.55 -19.37 6.15
C ASN B 360 15.84 -20.12 6.45
N LYS B 361 16.17 -20.27 7.72
CA LYS B 361 17.32 -21.10 8.15
C LYS B 361 16.83 -21.94 9.34
N PRO B 362 16.11 -23.04 9.03
CA PRO B 362 15.53 -23.88 10.08
C PRO B 362 16.63 -24.55 10.90
N GLU B 363 16.43 -24.61 12.21
CA GLU B 363 17.37 -25.19 13.19
C GLU B 363 16.55 -26.20 13.99
N VAL B 364 17.09 -27.39 14.18
CA VAL B 364 16.56 -28.41 15.13
C VAL B 364 16.71 -27.89 16.56
N ASN B 365 15.76 -28.24 17.41
CA ASN B 365 15.85 -27.96 18.86
C ASN B 365 16.11 -29.29 19.55
N GLN B 366 17.37 -29.53 19.92
CA GLN B 366 17.76 -30.86 20.44
C GLN B 366 18.77 -30.63 21.58
N LYS B 367 18.72 -31.48 22.58
CA LYS B 367 19.53 -31.37 23.82
C LYS B 367 19.90 -32.76 24.32
N LEU B 368 21.18 -32.94 24.63
CA LEU B 368 21.69 -34.12 25.34
C LEU B 368 21.76 -33.83 26.83
N THR B 369 21.44 -34.85 27.64
CA THR B 369 21.57 -34.86 29.13
C THR B 369 22.65 -35.86 29.54
C1 EDO C . 5.02 9.43 -16.80
O1 EDO C . 6.26 9.23 -17.55
C2 EDO C . 3.86 8.50 -17.12
O2 EDO C . 3.41 7.59 -16.15
H11 EDO C . 4.72 10.35 -16.95
H12 EDO C . 5.22 9.34 -15.84
HO1 EDO C . 6.88 9.80 -17.31
H21 EDO C . 4.11 7.99 -17.92
H22 EDO C . 3.10 9.06 -17.38
HO2 EDO C . 4.01 7.47 -15.57
C1 EDO D . 3.96 -0.99 -6.95
O1 EDO D . 4.37 0.11 -7.62
C2 EDO D . 5.11 -1.87 -6.92
O2 EDO D . 5.38 -2.14 -5.64
H11 EDO D . 3.21 -1.41 -7.42
H12 EDO D . 3.69 -0.76 -6.04
HO1 EDO D . 3.77 0.61 -7.62
H21 EDO D . 5.88 -1.43 -7.35
H22 EDO D . 4.91 -2.70 -7.40
HO2 EDO D . 4.70 -2.50 -5.27
PG ANP E . 5.89 20.02 -19.84
O1G ANP E . 6.48 19.41 -21.09
O2G ANP E . 6.71 19.56 -18.70
O3G ANP E . 4.44 19.65 -19.68
PB ANP E . 5.73 22.69 -18.71
O1B ANP E . 6.38 22.19 -17.45
O2B ANP E . 4.25 22.99 -18.64
N3B ANP E . 6.04 21.64 -19.90
PA ANP E . 7.65 24.86 -18.56
O1A ANP E . 8.88 24.07 -18.57
O2A ANP E . 7.15 25.44 -17.27
O3A ANP E . 6.50 23.99 -19.25
O5' ANP E . 7.68 26.09 -19.57
C5' ANP E . 7.95 25.95 -20.98
C4' ANP E . 8.71 27.19 -21.39
O4' ANP E . 7.86 28.35 -21.28
C3' ANP E . 9.95 27.47 -20.53
O3' ANP E . 11.03 27.97 -21.30
C2' ANP E . 9.46 28.56 -19.58
O2' ANP E . 10.51 29.40 -19.16
C1' ANP E . 8.44 29.31 -20.42
N9 ANP E . 7.43 29.86 -19.57
C8 ANP E . 6.41 29.18 -18.95
N7 ANP E . 5.63 29.96 -18.24
C5 ANP E . 6.19 31.22 -18.39
C6 ANP E . 5.82 32.49 -17.86
N6 ANP E . 4.80 32.68 -17.04
N1 ANP E . 6.58 33.56 -18.20
C2 ANP E . 7.63 33.34 -19.01
N3 ANP E . 8.08 32.20 -19.54
C4 ANP E . 7.28 31.17 -19.21
HNB1 ANP E . 6.53 21.93 -20.52
H5'1 ANP E . 8.49 25.15 -21.15
H5'2 ANP E . 7.10 25.89 -21.49
H4' ANP E . 8.99 27.09 -22.33
H3' ANP E . 10.22 26.66 -20.03
HO3' ANP E . 10.77 28.73 -21.60
H2' ANP E . 9.01 28.14 -18.79
HO2' ANP E . 10.21 29.94 -18.64
H1' ANP E . 8.89 30.02 -20.93
H8 ANP E . 6.26 28.25 -19.04
HN61 ANP E . 4.33 31.99 -16.77
HN62 ANP E . 4.61 33.49 -16.77
H2 ANP E . 8.14 34.11 -19.22
MG MG F . 7.29 20.57 -16.97
I IOD G . 1.87 6.94 -14.03
I IOD H . -2.91 30.33 -34.43
C1 EDO I . 2.24 -33.73 28.78
O1 EDO I . 1.82 -34.80 29.59
C2 EDO I . 2.95 -32.65 29.53
O2 EDO I . 3.64 -31.74 28.73
H11 EDO I . 1.46 -33.34 28.33
H12 EDO I . 2.84 -34.07 28.10
HO1 EDO I . 1.48 -35.41 29.11
H21 EDO I . 3.58 -33.07 30.14
H22 EDO I . 2.30 -32.17 30.06
HO2 EDO I . 3.43 -31.84 27.91
C1 EDO J . -4.66 -7.67 14.07
O1 EDO J . -5.97 -7.55 14.43
C2 EDO J . -3.95 -7.99 15.30
O2 EDO J . -2.73 -7.62 15.28
H11 EDO J . -4.34 -6.83 13.70
H12 EDO J . -4.55 -8.39 13.42
HO1 EDO J . -6.38 -7.39 13.74
H21 EDO J . -4.00 -8.96 15.44
H22 EDO J . -4.39 -7.56 16.05
HO2 EDO J . -2.40 -7.75 14.50
PG ANP K . -12.56 -15.07 6.30
O1G ANP K . -13.67 -14.01 6.41
O2G ANP K . -12.23 -15.70 7.63
O3G ANP K . -11.27 -14.45 5.75
PB ANP K . -12.25 -17.60 4.85
O1B ANP K . -11.85 -18.28 6.15
O2B ANP K . -11.18 -17.35 3.81
N3B ANP K . -13.05 -16.20 5.24
PA ANP K . -14.01 -19.91 4.55
O1A ANP K . -14.85 -19.70 5.77
O2A ANP K . -12.96 -20.98 4.56
O3A ANP K . -13.30 -18.52 4.11
O5' ANP K . -14.89 -20.20 3.26
C5' ANP K . -16.05 -19.36 2.94
C4' ANP K . -17.15 -20.26 2.46
O4' ANP K . -16.73 -20.89 1.21
C3' ANP K . -17.50 -21.43 3.39
O3' ANP K . -18.86 -21.82 3.35
C2' ANP K . -16.68 -22.58 2.84
O2' ANP K . -17.23 -23.84 3.16
C1' ANP K . -16.73 -22.28 1.35
N9 ANP K . -15.53 -22.84 0.70
C8 ANP K . -14.22 -22.39 0.78
N7 ANP K . -13.40 -23.14 0.08
C5 ANP K . -14.19 -24.16 -0.43
C6 ANP K . -13.90 -25.25 -1.27
N6 ANP K . -12.69 -25.53 -1.71
N1 ANP K . -14.94 -26.04 -1.62
C2 ANP K . -16.17 -25.73 -1.19
N3 ANP K . -16.55 -24.73 -0.41
C4 ANP K . -15.50 -23.97 -0.07
HNB1 ANP K . -13.87 -16.19 5.05
H5'1 ANP K . -16.34 -18.86 3.74
H5'2 ANP K . -15.81 -18.71 2.24
H4' ANP K . -17.94 -19.72 2.29
H3' ANP K . -17.23 -21.21 4.32
HO3' ANP K . -18.93 -22.23 2.62
H2' ANP K . -15.74 -22.53 3.17
HO2' ANP K . -16.74 -24.43 2.80
H1' ANP K . -17.54 -22.68 0.96
H8 ANP K . -13.97 -21.63 1.26
HN61 ANP K . -12.01 -25.02 -1.49
HN62 ANP K . -12.57 -26.23 -2.22
H2 ANP K . -16.86 -26.32 -1.46
MG MG L . -11.86 -17.76 7.93
#